data_8GOY
#
_entry.id   8GOY
#
_cell.length_a   51.353
_cell.length_b   139.450
_cell.length_c   58.125
_cell.angle_alpha   90.000
_cell.angle_beta   101.670
_cell.angle_gamma   90.000
#
_symmetry.space_group_name_H-M   'P 1 21 1'
#
loop_
_entity.id
_entity.type
_entity.pdbx_description
1 polymer 'Alpha/beta fold hydrolase'
2 non-polymer GLYCEROL
3 non-polymer '5-[(4,6-dimethoxypyrimidin-2-yl)carbamoylsulfamoyl]-1-methyl-pyrazole-4-carboxylic acid'
4 water water
#
_entity_poly.entity_id   1
_entity_poly.type   'polypeptide(L)'
_entity_poly.pdbx_seq_one_letter_code
;METDNVELAQSKRKVVLAEQGSFYIGGRTVTGPGKFDPSKPVIRYSNEGATFYINQMYVNFQAPVRPRGLPLVFWHGGGL
TGHIWESTPDGRPGFQTLFVQDRHTVYTIDQPGRGRGNIPTFNGPFGQLEEESIVNTVTGNSSKEGAWVRDRLGPAPGQF
FENSQFPRGYEDNYFKEMGFSPSISSDEIVDAVVKLVTHIGPCVLVTHSASGVLGMRVATHAKNVRGIVAYEPATSIFPK
GKVPEIPPLADKKSQIFPPFEIQESYFKKLAKIPIQFVFGDNIPKNPKSAYWFLDWWRVTRYAHSLSLEAINKLGGQASL
LDLPTAGLRGNTHFPFTDRNNVQVASLLSDFLGKHGLDQNESLEHHHHHH
;
_entity_poly.pdbx_strand_id   A,B
#
loop_
_chem_comp.id
_chem_comp.type
_chem_comp.name
_chem_comp.formula
GOL non-polymer GLYCEROL 'C3 H8 O3'
JV6 non-polymer '5-[(4,6-dimethoxypyrimidin-2-yl)carbamoylsulfamoyl]-1-methyl-pyrazole-4-carboxylic acid' 'C12 H14 N6 O7 S'
#
# COMPACT_ATOMS: atom_id res chain seq x y z
N LYS A 12 -18.32 -17.67 5.83
CA LYS A 12 -17.10 -18.43 6.11
C LYS A 12 -15.87 -17.65 5.67
N ARG A 13 -14.82 -17.72 6.48
CA ARG A 13 -13.62 -16.92 6.26
C ARG A 13 -12.47 -17.72 5.68
N LYS A 14 -12.64 -19.03 5.50
CA LYS A 14 -11.56 -19.91 5.06
C LYS A 14 -11.29 -19.76 3.57
N VAL A 15 -10.00 -19.80 3.22
CA VAL A 15 -9.55 -19.54 1.86
C VAL A 15 -8.40 -20.49 1.55
N VAL A 16 -8.46 -21.16 0.40
CA VAL A 16 -7.40 -22.07 -0.02
C VAL A 16 -6.76 -21.53 -1.28
N LEU A 17 -5.47 -21.21 -1.22
CA LEU A 17 -4.76 -20.60 -2.33
C LEU A 17 -3.77 -21.57 -2.92
N ALA A 18 -3.85 -21.76 -4.24
CA ALA A 18 -2.79 -22.47 -4.95
C ALA A 18 -1.50 -21.66 -4.91
N GLU A 19 -1.60 -20.34 -4.95
CA GLU A 19 -0.43 -19.46 -4.89
C GLU A 19 -0.92 -18.05 -4.65
N GLN A 20 -0.02 -17.23 -4.14
CA GLN A 20 -0.32 -15.82 -3.91
C GLN A 20 0.97 -15.06 -4.07
N GLY A 21 0.85 -13.76 -4.31
CA GLY A 21 2.06 -12.97 -4.43
C GLY A 21 1.73 -11.55 -4.83
N SER A 22 2.79 -10.78 -5.01
CA SER A 22 2.64 -9.41 -5.49
C SER A 22 3.87 -9.02 -6.29
N PHE A 23 3.70 -7.98 -7.12
CA PHE A 23 4.76 -7.53 -8.01
C PHE A 23 4.48 -6.09 -8.41
N TYR A 24 5.51 -5.43 -8.91
CA TYR A 24 5.37 -4.09 -9.48
C TYR A 24 5.34 -4.18 -11.01
N ILE A 25 4.58 -3.27 -11.64
CA ILE A 25 4.49 -3.26 -13.10
C ILE A 25 4.29 -1.81 -13.56
N GLY A 26 4.78 -1.51 -14.76
CA GLY A 26 4.61 -0.17 -15.32
C GLY A 26 5.57 0.84 -14.71
N GLY A 27 5.37 2.10 -15.08
CA GLY A 27 6.24 3.17 -14.65
C GLY A 27 7.31 3.50 -15.67
N ARG A 28 8.07 4.56 -15.37
CA ARG A 28 9.21 4.98 -16.19
C ARG A 28 10.32 5.43 -15.25
N THR A 29 11.43 5.93 -15.80
CA THR A 29 12.48 6.47 -14.97
C THR A 29 12.75 7.92 -15.36
N VAL A 30 13.20 8.70 -14.38
CA VAL A 30 13.68 10.06 -14.57
C VAL A 30 15.00 10.18 -13.83
N THR A 31 15.84 11.14 -14.24
CA THR A 31 17.19 11.21 -13.73
C THR A 31 17.57 12.61 -13.29
N GLY A 32 18.41 12.67 -12.27
CA GLY A 32 19.00 13.91 -11.83
C GLY A 32 20.26 14.22 -12.62
N PRO A 33 20.88 15.37 -12.33
CA PRO A 33 22.10 15.75 -13.05
C PRO A 33 23.35 15.08 -12.48
N GLY A 34 24.38 15.04 -13.30
CA GLY A 34 25.69 14.61 -12.84
C GLY A 34 25.83 13.09 -12.75
N LYS A 35 26.86 12.68 -12.01
CA LYS A 35 27.25 11.29 -11.91
C LYS A 35 27.33 10.88 -10.45
N PHE A 36 27.09 9.58 -10.21
CA PHE A 36 27.10 9.02 -8.86
C PHE A 36 28.51 8.55 -8.52
N ASP A 37 29.01 8.97 -7.36
CA ASP A 37 30.34 8.56 -6.92
C ASP A 37 30.21 7.73 -5.66
N PRO A 38 30.50 6.42 -5.72
CA PRO A 38 30.28 5.57 -4.54
C PRO A 38 31.23 5.85 -3.38
N SER A 39 32.28 6.64 -3.57
CA SER A 39 33.18 7.02 -2.49
C SER A 39 32.68 8.22 -1.69
N LYS A 40 31.69 8.90 -2.21
CA LYS A 40 31.17 10.10 -1.53
C LYS A 40 29.98 9.72 -0.65
N PRO A 41 29.69 10.52 0.40
CA PRO A 41 28.57 10.23 1.27
C PRO A 41 27.27 10.03 0.48
N VAL A 42 26.62 8.90 0.69
CA VAL A 42 25.38 8.56 -0.06
C VAL A 42 24.17 9.06 0.72
N ILE A 43 24.24 9.08 2.05
CA ILE A 43 23.04 9.41 2.90
C ILE A 43 22.66 10.87 2.89
N ARG A 44 23.60 11.81 2.89
CA ARG A 44 23.17 13.23 2.60
C ARG A 44 22.00 13.24 1.60
N TYR A 45 21.91 12.31 0.64
CA TYR A 45 20.75 12.08 -0.27
C TYR A 45 20.46 13.25 -1.20
N SER A 46 21.02 13.18 -2.40
CA SER A 46 20.91 14.30 -3.36
C SER A 46 20.28 13.74 -4.63
N ASN A 47 19.98 14.61 -5.59
CA ASN A 47 19.51 14.13 -6.93
C ASN A 47 20.73 13.92 -7.82
N GLU A 48 21.93 14.21 -7.31
CA GLU A 48 23.17 14.08 -8.11
C GLU A 48 23.36 12.65 -8.60
N GLY A 49 23.43 12.46 -9.91
CA GLY A 49 23.65 11.14 -10.48
C GLY A 49 22.57 10.13 -10.17
N ALA A 50 21.35 10.60 -9.91
CA ALA A 50 20.29 9.73 -9.40
C ALA A 50 19.36 9.28 -10.53
N THR A 51 18.97 8.00 -10.48
CA THR A 51 17.89 7.45 -11.28
C THR A 51 16.72 7.13 -10.35
N PHE A 52 15.52 7.62 -10.71
CA PHE A 52 14.31 7.36 -9.94
C PHE A 52 13.30 6.58 -10.78
N TYR A 53 12.77 5.50 -10.22
CA TYR A 53 11.62 4.82 -10.82
C TYR A 53 10.35 5.51 -10.36
N ILE A 54 9.53 5.99 -11.30
CA ILE A 54 8.31 6.70 -10.94
C ILE A 54 7.09 6.11 -11.65
N ASN A 55 5.94 6.29 -11.02
CA ASN A 55 4.60 5.98 -11.55
C ASN A 55 4.38 4.49 -11.79
N GLN A 56 5.17 3.62 -11.16
CA GLN A 56 4.91 2.19 -11.18
C GLN A 56 3.69 1.85 -10.32
N MET A 57 3.11 0.68 -10.58
CA MET A 57 1.88 0.24 -9.94
C MET A 57 2.11 -1.05 -9.17
N TYR A 58 1.50 -1.16 -7.98
CA TYR A 58 1.58 -2.38 -7.19
C TYR A 58 0.41 -3.31 -7.53
N VAL A 59 0.69 -4.61 -7.65
CA VAL A 59 -0.32 -5.61 -7.99
C VAL A 59 -0.17 -6.81 -7.06
N ASN A 60 -1.27 -7.32 -6.53
N ASN A 60 -1.29 -7.30 -6.53
CA ASN A 60 -1.17 -8.60 -5.85
CA ASN A 60 -1.34 -8.52 -5.70
C ASN A 60 -2.23 -9.53 -6.40
C ASN A 60 -2.25 -9.53 -6.41
N PHE A 61 -2.00 -10.82 -6.18
CA PHE A 61 -2.90 -11.82 -6.72
C PHE A 61 -3.01 -12.99 -5.76
N GLN A 62 -4.18 -13.62 -5.81
CA GLN A 62 -4.46 -14.84 -5.09
C GLN A 62 -5.17 -15.78 -6.05
N ALA A 63 -4.65 -16.99 -6.19
CA ALA A 63 -5.20 -17.93 -7.15
C ALA A 63 -5.77 -19.11 -6.39
N PRO A 64 -7.03 -19.48 -6.62
CA PRO A 64 -7.58 -20.67 -5.96
C PRO A 64 -7.00 -21.92 -6.58
N VAL A 65 -7.21 -23.05 -5.89
CA VAL A 65 -7.00 -24.34 -6.53
C VAL A 65 -8.09 -24.53 -7.57
N ARG A 66 -7.73 -25.05 -8.71
CA ARG A 66 -8.60 -25.22 -9.90
C ARG A 66 -9.44 -23.98 -10.19
N PRO A 67 -8.83 -22.92 -10.69
CA PRO A 67 -9.59 -21.73 -11.06
C PRO A 67 -10.53 -22.02 -12.21
N ARG A 68 -11.62 -21.27 -12.26
CA ARG A 68 -12.55 -21.34 -13.37
C ARG A 68 -12.76 -19.94 -13.92
N GLY A 69 -12.92 -19.84 -15.23
CA GLY A 69 -13.22 -18.57 -15.84
C GLY A 69 -12.05 -17.60 -15.80
N LEU A 70 -12.37 -16.34 -16.08
CA LEU A 70 -11.30 -15.37 -16.23
C LEU A 70 -10.89 -14.78 -14.88
N PRO A 71 -9.62 -14.39 -14.76
CA PRO A 71 -9.21 -13.65 -13.56
C PRO A 71 -9.93 -12.32 -13.47
N LEU A 72 -10.15 -11.89 -12.23
CA LEU A 72 -10.78 -10.62 -11.95
C LEU A 72 -9.72 -9.64 -11.46
N VAL A 73 -9.77 -8.41 -11.98
CA VAL A 73 -8.89 -7.33 -11.55
C VAL A 73 -9.74 -6.29 -10.84
N PHE A 74 -9.57 -6.16 -9.53
CA PHE A 74 -10.32 -5.19 -8.75
C PHE A 74 -9.52 -3.89 -8.65
N TRP A 75 -10.17 -2.78 -8.99
CA TRP A 75 -9.52 -1.48 -9.15
C TRP A 75 -10.23 -0.46 -8.27
N HIS A 76 -9.57 -0.07 -7.17
CA HIS A 76 -10.12 0.82 -6.17
C HIS A 76 -10.53 2.18 -6.76
N GLY A 77 -11.48 2.84 -6.08
CA GLY A 77 -11.86 4.19 -6.42
C GLY A 77 -10.85 5.25 -5.96
N GLY A 78 -11.23 6.50 -6.16
CA GLY A 78 -10.28 7.60 -5.94
C GLY A 78 -9.91 7.75 -4.47
N GLY A 79 -8.62 7.94 -4.22
CA GLY A 79 -8.16 8.12 -2.85
C GLY A 79 -8.11 6.84 -2.05
N LEU A 80 -8.27 5.69 -2.67
CA LEU A 80 -8.36 4.40 -1.99
C LEU A 80 -7.20 3.51 -2.38
N THR A 81 -7.23 2.27 -1.88
CA THR A 81 -6.24 1.24 -2.22
C THR A 81 -6.95 -0.09 -2.32
N GLY A 82 -6.18 -1.14 -2.61
CA GLY A 82 -6.72 -2.49 -2.65
C GLY A 82 -7.30 -2.98 -1.34
N HIS A 83 -7.05 -2.27 -0.24
CA HIS A 83 -7.62 -2.66 1.05
C HIS A 83 -9.14 -2.84 0.96
N ILE A 84 -9.82 -2.05 0.13
CA ILE A 84 -11.28 -2.05 0.13
C ILE A 84 -11.80 -3.35 -0.46
N TRP A 85 -10.97 -4.11 -1.18
CA TRP A 85 -11.36 -5.42 -1.66
C TRP A 85 -10.95 -6.53 -0.71
N GLU A 86 -10.11 -6.24 0.28
CA GLU A 86 -9.62 -7.25 1.21
C GLU A 86 -10.61 -7.47 2.36
N SER A 87 -11.07 -6.40 2.99
CA SER A 87 -11.92 -6.50 4.16
C SER A 87 -12.83 -5.30 4.20
N THR A 88 -13.94 -5.46 4.90
CA THR A 88 -14.84 -4.34 5.14
C THR A 88 -14.32 -3.58 6.36
N PRO A 89 -14.83 -2.37 6.61
CA PRO A 89 -14.34 -1.61 7.77
C PRO A 89 -14.56 -2.32 9.09
N ASP A 90 -15.60 -3.14 9.18
CA ASP A 90 -15.86 -3.91 10.40
C ASP A 90 -15.24 -5.30 10.34
N GLY A 91 -14.35 -5.57 9.40
CA GLY A 91 -13.57 -6.79 9.40
C GLY A 91 -14.21 -8.01 8.77
N ARG A 92 -15.28 -7.86 8.01
CA ARG A 92 -15.84 -8.99 7.27
C ARG A 92 -15.06 -9.20 5.98
N PRO A 93 -15.11 -10.40 5.39
CA PRO A 93 -14.38 -10.65 4.14
C PRO A 93 -14.80 -9.69 3.03
N GLY A 94 -13.78 -9.20 2.30
CA GLY A 94 -14.01 -8.40 1.10
C GLY A 94 -14.15 -9.28 -0.13
N PHE A 95 -14.34 -8.61 -1.27
CA PHE A 95 -14.54 -9.31 -2.55
C PHE A 95 -13.34 -10.18 -2.93
N GLN A 96 -12.13 -9.85 -2.46
CA GLN A 96 -10.97 -10.69 -2.75
C GLN A 96 -11.19 -12.10 -2.22
N THR A 97 -11.52 -12.23 -0.93
CA THR A 97 -11.82 -13.53 -0.37
C THR A 97 -13.05 -14.15 -1.04
N LEU A 98 -14.12 -13.37 -1.20
CA LEU A 98 -15.37 -13.92 -1.72
C LEU A 98 -15.17 -14.53 -3.10
N PHE A 99 -14.35 -13.91 -3.95
CA PHE A 99 -14.25 -14.41 -5.31
C PHE A 99 -13.14 -15.44 -5.50
N VAL A 100 -12.14 -15.47 -4.62
CA VAL A 100 -11.26 -16.63 -4.57
C VAL A 100 -12.06 -17.86 -4.16
N GLN A 101 -12.97 -17.68 -3.18
CA GLN A 101 -13.89 -18.76 -2.80
C GLN A 101 -14.82 -19.15 -3.95
N ASP A 102 -15.17 -18.20 -4.82
CA ASP A 102 -15.93 -18.45 -6.05
C ASP A 102 -15.07 -18.99 -7.18
N ARG A 103 -13.83 -19.40 -6.86
CA ARG A 103 -12.90 -20.06 -7.78
C ARG A 103 -12.45 -19.16 -8.92
N HIS A 104 -12.37 -17.85 -8.69
CA HIS A 104 -11.66 -16.96 -9.60
C HIS A 104 -10.28 -16.61 -9.03
N THR A 105 -9.28 -16.55 -9.90
CA THR A 105 -8.05 -15.86 -9.55
C THR A 105 -8.35 -14.38 -9.45
N VAL A 106 -7.83 -13.74 -8.41
CA VAL A 106 -8.18 -12.36 -8.09
C VAL A 106 -6.90 -11.53 -8.03
N TYR A 107 -6.85 -10.47 -8.85
CA TYR A 107 -5.84 -9.43 -8.76
C TYR A 107 -6.44 -8.21 -8.08
N THR A 108 -5.67 -7.58 -7.19
CA THR A 108 -6.02 -6.26 -6.69
C THR A 108 -4.82 -5.34 -6.89
N ILE A 109 -5.10 -4.07 -7.20
CA ILE A 109 -4.01 -3.15 -7.50
C ILE A 109 -4.06 -1.97 -6.55
N ASP A 110 -2.88 -1.38 -6.32
CA ASP A 110 -2.75 0.00 -5.84
C ASP A 110 -2.21 0.80 -7.03
N GLN A 111 -3.04 1.65 -7.61
CA GLN A 111 -2.65 2.36 -8.83
C GLN A 111 -1.52 3.35 -8.55
N PRO A 112 -0.80 3.77 -9.58
CA PRO A 112 0.26 4.77 -9.37
C PRO A 112 -0.31 5.97 -8.62
N GLY A 113 0.44 6.42 -7.60
CA GLY A 113 0.02 7.54 -6.79
C GLY A 113 -0.78 7.19 -5.56
N ARG A 114 -1.14 5.92 -5.38
CA ARG A 114 -1.98 5.50 -4.26
C ARG A 114 -1.37 4.29 -3.57
N GLY A 115 -1.38 4.28 -2.23
CA GLY A 115 -0.94 3.14 -1.46
C GLY A 115 0.44 2.64 -1.83
N ARG A 116 0.55 1.37 -2.22
CA ARG A 116 1.86 0.80 -2.54
C ARG A 116 2.33 1.16 -3.95
N GLY A 117 1.48 1.83 -4.73
CA GLY A 117 1.94 2.43 -5.97
C GLY A 117 2.86 3.60 -5.70
N ASN A 118 3.65 3.98 -6.71
CA ASN A 118 4.66 5.01 -6.49
C ASN A 118 4.05 6.40 -6.33
N ILE A 119 4.61 7.17 -5.40
CA ILE A 119 4.37 8.60 -5.31
C ILE A 119 5.64 9.29 -5.80
N PRO A 120 5.60 9.99 -6.95
CA PRO A 120 6.85 10.50 -7.52
C PRO A 120 7.35 11.76 -6.84
N THR A 121 8.26 11.61 -5.88
CA THR A 121 8.88 12.76 -5.27
C THR A 121 10.34 12.43 -4.97
N PHE A 122 11.11 13.47 -4.70
CA PHE A 122 12.56 13.36 -4.82
C PHE A 122 13.22 14.08 -3.65
N ASN A 123 14.39 14.68 -3.89
CA ASN A 123 15.04 15.52 -2.88
C ASN A 123 14.75 16.96 -3.28
N GLY A 124 13.79 17.57 -2.59
CA GLY A 124 13.32 18.90 -2.92
C GLY A 124 11.85 19.04 -2.58
N PRO A 125 11.25 20.17 -2.93
CA PRO A 125 9.82 20.35 -2.69
C PRO A 125 9.06 19.21 -3.34
N PHE A 126 7.96 18.81 -2.69
CA PHE A 126 7.19 17.64 -3.13
C PHE A 126 6.93 17.65 -4.63
N GLY A 127 7.33 16.56 -5.29
CA GLY A 127 7.02 16.35 -6.68
C GLY A 127 7.98 17.01 -7.67
N GLN A 128 8.96 17.76 -7.18
CA GLN A 128 9.88 18.51 -8.01
C GLN A 128 11.23 17.81 -8.07
N LEU A 129 11.72 17.57 -9.29
CA LEU A 129 13.04 17.00 -9.55
C LEU A 129 13.84 18.12 -10.19
N GLU A 130 14.75 18.71 -9.41
CA GLU A 130 15.45 19.94 -9.80
C GLU A 130 14.43 20.94 -10.32
N GLU A 131 14.54 21.31 -11.60
CA GLU A 131 13.67 22.34 -12.16
C GLU A 131 12.46 21.79 -12.91
N GLU A 132 12.20 20.47 -12.89
CA GLU A 132 11.00 19.92 -13.52
C GLU A 132 9.98 19.54 -12.44
N SER A 133 8.72 19.85 -12.71
CA SER A 133 7.60 19.49 -11.86
C SER A 133 7.01 18.18 -12.38
N ILE A 134 7.29 17.07 -11.70
CA ILE A 134 6.69 15.81 -12.07
C ILE A 134 5.22 15.75 -11.63
N VAL A 135 4.96 16.08 -10.36
CA VAL A 135 3.61 16.29 -9.85
C VAL A 135 3.60 17.58 -9.04
N ASN A 136 2.40 18.13 -8.83
CA ASN A 136 2.28 19.42 -8.17
C ASN A 136 2.69 19.34 -6.71
N THR A 137 3.32 20.42 -6.24
CA THR A 137 3.67 20.52 -4.82
C THR A 137 2.43 20.80 -3.98
N VAL A 138 1.44 21.49 -4.55
CA VAL A 138 0.19 21.76 -3.87
C VAL A 138 -0.72 20.56 -4.04
N THR A 139 -1.18 19.97 -2.94
CA THR A 139 -2.03 18.79 -2.97
C THR A 139 -3.49 19.17 -2.73
N GLY A 140 -4.37 18.21 -3.05
CA GLY A 140 -5.75 18.26 -2.61
C GLY A 140 -6.09 16.98 -1.88
N ASN A 141 -7.13 17.07 -1.03
CA ASN A 141 -7.50 15.88 -0.28
C ASN A 141 -8.93 16.06 0.21
N SER A 142 -9.71 14.97 0.19
CA SER A 142 -11.05 15.10 0.71
C SER A 142 -11.00 15.11 2.24
N SER A 143 -12.13 15.41 2.86
CA SER A 143 -12.30 15.38 4.31
C SER A 143 -13.22 14.24 4.70
N LYS A 144 -13.27 13.96 6.01
CA LYS A 144 -14.27 13.04 6.52
C LYS A 144 -15.67 13.49 6.13
N GLU A 145 -15.93 14.78 6.30
CA GLU A 145 -17.24 15.35 6.03
C GLU A 145 -17.58 15.25 4.54
N GLY A 146 -16.62 15.61 3.68
CA GLY A 146 -16.84 15.47 2.24
C GLY A 146 -17.10 14.03 1.83
N ALA A 147 -16.29 13.10 2.36
CA ALA A 147 -16.46 11.70 2.00
C ALA A 147 -17.79 11.17 2.51
N TRP A 148 -18.22 11.59 3.70
CA TRP A 148 -19.50 11.16 4.24
C TRP A 148 -20.62 11.37 3.23
N VAL A 149 -20.71 12.59 2.68
CA VAL A 149 -21.82 12.87 1.77
C VAL A 149 -21.52 12.36 0.37
N ARG A 150 -20.26 12.37 -0.06
CA ARG A 150 -19.89 11.74 -1.33
C ARG A 150 -20.35 10.29 -1.37
N ASP A 151 -20.17 9.58 -0.28
CA ASP A 151 -20.44 8.15 -0.22
C ASP A 151 -21.89 7.85 0.15
N ARG A 152 -22.70 8.88 0.42
CA ARG A 152 -24.12 8.73 0.73
C ARG A 152 -24.34 7.81 1.93
N LEU A 153 -23.49 7.96 2.96
CA LEU A 153 -23.86 7.39 4.25
C LEU A 153 -25.17 8.02 4.73
N GLY A 154 -25.29 9.33 4.57
CA GLY A 154 -26.44 10.10 4.96
C GLY A 154 -26.35 11.42 4.24
N PRO A 155 -27.38 12.26 4.36
CA PRO A 155 -27.36 13.55 3.65
C PRO A 155 -26.42 14.57 4.27
N ALA A 156 -25.95 14.34 5.49
CA ALA A 156 -25.01 15.23 6.15
C ALA A 156 -24.15 14.42 7.09
N PRO A 157 -22.96 14.92 7.42
CA PRO A 157 -22.06 14.16 8.32
C PRO A 157 -22.71 13.88 9.67
N GLY A 158 -22.52 12.64 10.15
CA GLY A 158 -23.15 12.15 11.36
C GLY A 158 -24.54 11.56 11.18
N GLN A 159 -25.19 11.80 10.04
CA GLN A 159 -26.52 11.29 9.78
C GLN A 159 -26.47 10.08 8.86
N PHE A 160 -27.39 9.14 9.06
CA PHE A 160 -27.52 7.97 8.20
C PHE A 160 -28.90 7.90 7.57
N PHE A 161 -28.95 7.52 6.29
CA PHE A 161 -30.23 7.16 5.67
C PHE A 161 -30.85 5.98 6.42
N GLU A 162 -32.19 5.95 6.44
CA GLU A 162 -32.91 4.81 6.98
C GLU A 162 -32.48 3.51 6.31
N ASN A 163 -32.39 2.44 7.09
CA ASN A 163 -32.04 1.11 6.57
C ASN A 163 -30.70 1.11 5.83
N SER A 164 -29.79 1.98 6.26
CA SER A 164 -28.45 2.04 5.69
C SER A 164 -27.73 0.71 5.83
N GLN A 165 -26.95 0.35 4.81
CA GLN A 165 -26.11 -0.84 4.87
C GLN A 165 -24.68 -0.52 5.27
N PHE A 166 -24.37 0.72 5.62
CA PHE A 166 -23.05 1.03 6.12
C PHE A 166 -22.81 0.28 7.43
N PRO A 167 -21.59 -0.27 7.64
CA PRO A 167 -21.23 -0.87 8.95
C PRO A 167 -21.07 0.19 10.04
N ARG A 168 -22.20 0.65 10.54
CA ARG A 168 -22.23 1.72 11.53
C ARG A 168 -21.41 1.35 12.77
N GLY A 169 -20.70 2.35 13.31
CA GLY A 169 -19.80 2.14 14.43
C GLY A 169 -18.36 1.98 14.01
N TYR A 170 -18.11 1.73 12.72
CA TYR A 170 -16.76 1.56 12.18
C TYR A 170 -16.35 2.73 11.32
N GLU A 171 -16.91 3.92 11.60
CA GLU A 171 -16.57 5.11 10.82
C GLU A 171 -15.06 5.39 10.84
N ASP A 172 -14.41 5.21 12.00
CA ASP A 172 -12.98 5.48 12.09
C ASP A 172 -12.19 4.57 11.13
N ASN A 173 -12.46 3.27 11.16
CA ASN A 173 -11.80 2.34 10.24
C ASN A 173 -12.04 2.74 8.79
N TYR A 174 -13.27 3.13 8.49
CA TYR A 174 -13.67 3.44 7.12
C TYR A 174 -12.94 4.66 6.59
N PHE A 175 -12.99 5.77 7.32
CA PHE A 175 -12.38 6.98 6.76
C PHE A 175 -10.86 6.92 6.80
N LYS A 176 -10.27 6.10 7.67
CA LYS A 176 -8.82 5.97 7.72
C LYS A 176 -8.24 5.36 6.43
N GLU A 177 -9.09 4.72 5.61
CA GLU A 177 -8.58 4.06 4.41
C GLU A 177 -8.37 5.02 3.24
N MET A 178 -8.78 6.28 3.38
CA MET A 178 -8.79 7.26 2.31
C MET A 178 -7.62 8.22 2.43
N GLY A 179 -7.14 8.69 1.27
CA GLY A 179 -6.00 9.60 1.25
C GLY A 179 -5.91 10.37 -0.04
N PHE A 180 -4.89 11.22 -0.11
CA PHE A 180 -4.68 12.08 -1.26
C PHE A 180 -4.09 11.30 -2.44
N SER A 181 -4.20 11.89 -3.63
CA SER A 181 -3.49 11.41 -4.81
C SER A 181 -2.72 12.56 -5.43
N PRO A 182 -1.43 12.37 -5.76
CA PRO A 182 -0.68 13.40 -6.48
C PRO A 182 -1.17 13.50 -7.92
N SER A 183 -0.70 14.55 -8.62
CA SER A 183 -1.27 14.91 -9.92
C SER A 183 -0.66 14.08 -11.04
N ILE A 184 -0.59 12.75 -10.87
CA ILE A 184 -0.09 11.89 -11.95
C ILE A 184 -1.05 11.95 -13.13
N SER A 185 -0.49 11.99 -14.34
CA SER A 185 -1.32 11.98 -15.54
C SER A 185 -2.20 10.73 -15.59
N SER A 186 -3.49 10.91 -15.90
CA SER A 186 -4.36 9.75 -16.06
C SER A 186 -3.86 8.84 -17.18
N ASP A 187 -3.15 9.41 -18.17
CA ASP A 187 -2.57 8.59 -19.23
C ASP A 187 -1.61 7.55 -18.66
N GLU A 188 -0.80 7.94 -17.67
CA GLU A 188 0.17 7.01 -17.12
C GLU A 188 -0.50 5.96 -16.24
N ILE A 189 -1.64 6.30 -15.61
CA ILE A 189 -2.35 5.30 -14.83
C ILE A 189 -2.96 4.24 -15.75
N VAL A 190 -3.62 4.71 -16.83
CA VAL A 190 -4.17 3.79 -17.82
C VAL A 190 -3.07 2.90 -18.41
N ASP A 191 -1.90 3.48 -18.68
CA ASP A 191 -0.79 2.72 -19.25
C ASP A 191 -0.36 1.57 -18.35
N ALA A 192 -0.25 1.81 -17.04
CA ALA A 192 0.15 0.74 -16.14
C ALA A 192 -0.86 -0.41 -16.16
N VAL A 193 -2.15 -0.08 -16.15
CA VAL A 193 -3.14 -1.15 -16.14
C VAL A 193 -3.22 -1.85 -17.50
N VAL A 194 -3.00 -1.12 -18.60
CA VAL A 194 -2.92 -1.80 -19.90
C VAL A 194 -1.77 -2.81 -19.88
N LYS A 195 -0.62 -2.44 -19.31
CA LYS A 195 0.49 -3.37 -19.22
C LYS A 195 0.12 -4.57 -18.38
N LEU A 196 -0.65 -4.35 -17.29
CA LEU A 196 -1.06 -5.46 -16.45
C LEU A 196 -1.98 -6.40 -17.21
N VAL A 197 -2.94 -5.84 -17.96
CA VAL A 197 -3.86 -6.65 -18.75
C VAL A 197 -3.08 -7.46 -19.80
N THR A 198 -2.07 -6.84 -20.41
CA THR A 198 -1.23 -7.61 -21.34
C THR A 198 -0.55 -8.76 -20.61
N HIS A 199 -0.13 -8.51 -19.37
CA HIS A 199 0.62 -9.51 -18.62
C HIS A 199 -0.24 -10.71 -18.24
N ILE A 200 -1.49 -10.48 -17.84
CA ILE A 200 -2.27 -11.59 -17.30
C ILE A 200 -3.15 -12.28 -18.32
N GLY A 201 -3.41 -11.66 -19.46
CA GLY A 201 -4.26 -12.26 -20.47
C GLY A 201 -5.70 -11.84 -20.30
N PRO A 202 -6.61 -12.54 -20.97
CA PRO A 202 -8.04 -12.23 -20.87
C PRO A 202 -8.51 -12.12 -19.43
N CYS A 203 -9.26 -11.06 -19.13
CA CYS A 203 -9.65 -10.80 -17.75
C CYS A 203 -10.89 -9.92 -17.72
N VAL A 204 -11.41 -9.71 -16.52
CA VAL A 204 -12.54 -8.83 -16.25
C VAL A 204 -12.05 -7.71 -15.33
N LEU A 205 -12.38 -6.46 -15.69
CA LEU A 205 -12.10 -5.33 -14.80
C LEU A 205 -13.30 -5.06 -13.93
N VAL A 206 -13.06 -4.87 -12.64
CA VAL A 206 -14.09 -4.48 -11.68
C VAL A 206 -13.62 -3.18 -11.07
N THR A 207 -14.30 -2.09 -11.38
CA THR A 207 -13.86 -0.75 -11.06
C THR A 207 -14.83 -0.08 -10.10
N HIS A 208 -14.47 1.14 -9.70
CA HIS A 208 -15.19 1.86 -8.64
C HIS A 208 -14.92 3.33 -8.80
N SER A 209 -15.99 4.12 -8.88
CA SER A 209 -15.84 5.56 -8.77
C SER A 209 -14.83 6.09 -9.78
N ALA A 210 -13.74 6.71 -9.29
CA ALA A 210 -12.75 7.35 -10.18
C ALA A 210 -12.11 6.38 -11.16
N SER A 211 -12.03 5.09 -10.81
CA SER A 211 -11.44 4.15 -11.73
C SER A 211 -12.42 3.62 -12.79
N GLY A 212 -13.69 4.03 -12.74
CA GLY A 212 -14.65 3.68 -13.78
C GLY A 212 -14.24 4.17 -15.16
N VAL A 213 -14.03 5.49 -15.30
CA VAL A 213 -13.65 6.02 -16.61
C VAL A 213 -12.29 5.48 -17.03
N LEU A 214 -11.41 5.23 -16.05
CA LEU A 214 -10.07 4.74 -16.41
C LEU A 214 -10.14 3.31 -16.95
N GLY A 215 -10.99 2.48 -16.35
CA GLY A 215 -11.15 1.13 -16.85
C GLY A 215 -11.80 1.09 -18.22
N MET A 216 -12.74 2.01 -18.47
CA MET A 216 -13.28 2.11 -19.83
C MET A 216 -12.17 2.42 -20.83
N ARG A 217 -11.28 3.36 -20.47
CA ARG A 217 -10.16 3.70 -21.34
C ARG A 217 -9.24 2.50 -21.56
N VAL A 218 -8.95 1.76 -20.49
CA VAL A 218 -8.10 0.57 -20.63
C VAL A 218 -8.70 -0.39 -21.67
N ALA A 219 -10.00 -0.64 -21.56
CA ALA A 219 -10.64 -1.60 -22.47
C ALA A 219 -10.50 -1.17 -23.92
N THR A 220 -10.52 0.14 -24.20
CA THR A 220 -10.36 0.57 -25.59
C THR A 220 -8.92 0.41 -26.09
N HIS A 221 -7.98 0.15 -25.19
CA HIS A 221 -6.60 -0.08 -25.58
C HIS A 221 -6.19 -1.54 -25.44
N ALA A 222 -7.03 -2.40 -24.87
CA ALA A 222 -6.62 -3.74 -24.50
C ALA A 222 -7.74 -4.72 -24.78
N LYS A 223 -7.57 -5.51 -25.85
CA LYS A 223 -8.55 -6.53 -26.21
C LYS A 223 -8.70 -7.61 -25.13
N ASN A 224 -7.72 -7.76 -24.25
CA ASN A 224 -7.83 -8.78 -23.20
C ASN A 224 -8.91 -8.45 -22.18
N VAL A 225 -9.34 -7.19 -22.08
CA VAL A 225 -10.46 -6.88 -21.18
C VAL A 225 -11.72 -7.46 -21.81
N ARG A 226 -12.27 -8.51 -21.19
N ARG A 226 -12.28 -8.51 -21.20
CA ARG A 226 -13.43 -9.21 -21.73
CA ARG A 226 -13.43 -9.19 -21.75
C ARG A 226 -14.74 -8.76 -21.12
C ARG A 226 -14.74 -8.81 -21.08
N GLY A 227 -14.70 -7.91 -20.10
CA GLY A 227 -15.90 -7.47 -19.41
C GLY A 227 -15.55 -6.40 -18.40
N ILE A 228 -16.52 -5.53 -18.10
CA ILE A 228 -16.34 -4.48 -17.10
C ILE A 228 -17.55 -4.46 -16.21
N VAL A 229 -17.32 -4.46 -14.89
CA VAL A 229 -18.35 -4.10 -13.91
C VAL A 229 -17.83 -2.89 -13.15
N ALA A 230 -18.60 -1.81 -13.14
CA ALA A 230 -18.17 -0.55 -12.53
C ALA A 230 -19.14 -0.16 -11.42
N TYR A 231 -18.65 -0.08 -10.19
CA TYR A 231 -19.46 0.36 -9.05
C TYR A 231 -19.43 1.88 -8.99
N GLU A 232 -20.58 2.52 -9.26
CA GLU A 232 -20.77 3.97 -9.17
C GLU A 232 -19.61 4.75 -9.79
N PRO A 233 -19.37 4.59 -11.10
CA PRO A 233 -18.32 5.37 -11.76
C PRO A 233 -18.59 6.86 -11.63
N ALA A 234 -17.50 7.62 -11.54
CA ALA A 234 -17.59 9.04 -11.22
C ALA A 234 -17.66 9.93 -12.46
N THR A 235 -17.04 9.53 -13.56
CA THR A 235 -16.93 10.36 -14.76
C THR A 235 -17.50 9.58 -15.94
N SER A 236 -18.43 10.21 -16.68
CA SER A 236 -19.04 9.56 -17.84
C SER A 236 -18.11 9.66 -19.05
N ILE A 237 -18.35 8.81 -20.05
CA ILE A 237 -17.51 8.77 -21.24
C ILE A 237 -18.39 8.72 -22.50
N PHE A 238 -17.98 9.45 -23.54
CA PHE A 238 -18.77 9.62 -24.75
C PHE A 238 -17.84 9.71 -25.94
N PRO A 239 -18.34 9.43 -27.15
CA PRO A 239 -17.55 9.75 -28.35
C PRO A 239 -17.29 11.25 -28.45
N LYS A 240 -16.11 11.59 -28.97
CA LYS A 240 -15.72 12.99 -29.11
C LYS A 240 -16.76 13.77 -29.93
N GLY A 241 -17.14 14.94 -29.42
CA GLY A 241 -18.13 15.77 -30.08
C GLY A 241 -19.56 15.33 -29.94
N LYS A 242 -19.84 14.21 -29.26
CA LYS A 242 -21.20 13.71 -29.15
C LYS A 242 -21.66 13.64 -27.70
N VAL A 243 -21.17 14.53 -26.86
CA VAL A 243 -21.65 14.62 -25.47
C VAL A 243 -23.08 15.14 -25.51
N PRO A 244 -24.05 14.41 -24.98
CA PRO A 244 -25.43 14.92 -24.95
C PRO A 244 -25.55 16.09 -23.99
N GLU A 245 -26.68 16.78 -24.07
CA GLU A 245 -26.93 17.86 -23.13
C GLU A 245 -27.12 17.29 -21.73
N ILE A 246 -26.37 17.81 -20.77
CA ILE A 246 -26.42 17.36 -19.39
C ILE A 246 -26.74 18.59 -18.54
N PRO A 247 -27.80 18.55 -17.72
CA PRO A 247 -28.21 19.76 -16.99
C PRO A 247 -27.25 20.09 -15.88
N PRO A 248 -27.19 21.35 -15.45
CA PRO A 248 -26.47 21.68 -14.22
C PRO A 248 -27.17 21.08 -13.02
N LEU A 249 -26.52 21.21 -11.86
CA LEU A 249 -27.13 20.72 -10.62
C LEU A 249 -28.27 21.65 -10.20
N ALA A 250 -28.97 21.25 -9.14
CA ALA A 250 -30.14 22.00 -8.66
C ALA A 250 -29.76 23.40 -8.18
N ASP A 251 -28.52 23.60 -7.73
CA ASP A 251 -28.12 24.98 -7.44
C ASP A 251 -27.96 25.81 -8.71
N LYS A 252 -28.19 25.20 -9.87
CA LYS A 252 -28.17 25.80 -11.21
C LYS A 252 -26.86 26.51 -11.54
N LYS A 253 -25.83 26.37 -10.71
CA LYS A 253 -24.50 26.81 -11.02
C LYS A 253 -23.47 25.68 -11.12
N SER A 254 -23.63 24.62 -10.34
CA SER A 254 -22.67 23.52 -10.34
C SER A 254 -22.93 22.56 -11.48
N GLN A 255 -21.88 21.81 -11.84
CA GLN A 255 -21.98 20.78 -12.86
C GLN A 255 -21.24 19.53 -12.39
N ILE A 256 -21.59 18.39 -12.99
CA ILE A 256 -20.90 17.13 -12.70
C ILE A 256 -19.54 17.15 -13.37
N PHE A 257 -18.79 16.05 -13.26
CA PHE A 257 -17.46 16.01 -13.88
C PHE A 257 -17.59 16.14 -15.40
N PRO A 258 -16.77 16.98 -16.04
CA PRO A 258 -16.78 17.03 -17.51
C PRO A 258 -16.60 15.65 -18.09
N PRO A 259 -17.55 15.21 -18.92
CA PRO A 259 -17.42 13.86 -19.50
C PRO A 259 -16.15 13.73 -20.33
N PHE A 260 -15.54 12.55 -20.26
CA PHE A 260 -14.34 12.26 -21.02
C PHE A 260 -14.73 11.91 -22.45
N GLU A 261 -14.05 12.49 -23.42
CA GLU A 261 -14.35 12.27 -24.82
C GLU A 261 -13.21 11.54 -25.50
N ILE A 262 -13.52 10.44 -26.18
CA ILE A 262 -12.54 9.67 -26.93
C ILE A 262 -13.00 9.56 -28.37
N GLN A 263 -12.03 9.39 -29.26
CA GLN A 263 -12.32 9.19 -30.68
C GLN A 263 -13.29 8.02 -30.85
N GLU A 264 -14.20 8.15 -31.81
CA GLU A 264 -15.28 7.16 -31.90
C GLU A 264 -14.75 5.78 -32.26
N SER A 265 -13.66 5.70 -33.01
CA SER A 265 -13.08 4.39 -33.34
C SER A 265 -12.67 3.64 -32.08
N TYR A 266 -12.23 4.35 -31.04
CA TYR A 266 -11.93 3.70 -29.76
C TYR A 266 -13.21 3.48 -28.95
N PHE A 267 -14.13 4.44 -28.96
CA PHE A 267 -15.38 4.25 -28.23
C PHE A 267 -16.12 3.00 -28.70
N LYS A 268 -16.05 2.68 -30.00
CA LYS A 268 -16.76 1.53 -30.53
C LYS A 268 -16.26 0.22 -29.96
N LYS A 269 -15.02 0.20 -29.44
CA LYS A 269 -14.53 -1.03 -28.84
C LYS A 269 -15.29 -1.39 -27.56
N LEU A 270 -15.93 -0.41 -26.93
CA LEU A 270 -16.72 -0.72 -25.74
C LEU A 270 -17.98 -1.49 -26.08
N ALA A 271 -18.37 -1.51 -27.35
CA ALA A 271 -19.56 -2.25 -27.76
C ALA A 271 -19.31 -3.75 -27.90
N LYS A 272 -18.06 -4.19 -27.80
CA LYS A 272 -17.71 -5.57 -28.08
C LYS A 272 -17.65 -6.44 -26.83
N ILE A 273 -17.87 -5.88 -25.64
CA ILE A 273 -17.76 -6.64 -24.39
C ILE A 273 -18.93 -6.30 -23.49
N PRO A 274 -19.32 -7.23 -22.61
CA PRO A 274 -20.38 -6.92 -21.64
C PRO A 274 -19.89 -5.91 -20.61
N ILE A 275 -20.75 -4.93 -20.33
CA ILE A 275 -20.42 -3.84 -19.40
C ILE A 275 -21.63 -3.58 -18.53
N GLN A 276 -21.42 -3.52 -17.22
CA GLN A 276 -22.49 -3.27 -16.26
C GLN A 276 -22.03 -2.19 -15.30
N PHE A 277 -22.85 -1.15 -15.15
CA PHE A 277 -22.66 -0.12 -14.13
C PHE A 277 -23.62 -0.43 -12.99
N VAL A 278 -23.11 -0.44 -11.75
CA VAL A 278 -23.89 -0.78 -10.57
C VAL A 278 -24.02 0.46 -9.68
N PHE A 279 -25.25 0.77 -9.27
CA PHE A 279 -25.51 1.92 -8.41
C PHE A 279 -26.25 1.49 -7.16
N GLY A 280 -25.86 2.08 -6.02
CA GLY A 280 -26.51 1.82 -4.75
C GLY A 280 -27.75 2.67 -4.56
N ASP A 281 -28.10 2.92 -3.29
CA ASP A 281 -29.38 3.50 -2.93
C ASP A 281 -29.25 4.98 -2.62
N ASN A 282 -30.40 5.63 -2.43
CA ASN A 282 -30.48 7.02 -1.97
C ASN A 282 -29.92 8.02 -2.96
N ILE A 283 -29.95 7.69 -4.24
CA ILE A 283 -29.77 8.68 -5.31
C ILE A 283 -31.15 9.25 -5.62
N PRO A 284 -31.38 10.54 -5.42
CA PRO A 284 -32.74 11.08 -5.60
C PRO A 284 -33.16 11.10 -7.07
N LYS A 285 -34.48 11.02 -7.30
CA LYS A 285 -35.00 11.17 -8.65
C LYS A 285 -35.13 12.64 -9.04
N ASN A 286 -35.49 13.48 -8.09
CA ASN A 286 -35.77 14.89 -8.32
C ASN A 286 -34.66 15.78 -7.80
N PRO A 287 -34.53 17.01 -8.32
CA PRO A 287 -33.48 17.92 -7.85
C PRO A 287 -33.50 18.11 -6.34
N LYS A 288 -32.31 18.20 -5.75
CA LYS A 288 -32.13 18.35 -4.30
C LYS A 288 -31.11 19.47 -4.06
N SER A 289 -31.59 20.71 -4.00
CA SER A 289 -30.68 21.84 -3.83
C SER A 289 -30.03 21.85 -2.45
N ALA A 290 -30.67 21.25 -1.45
CA ALA A 290 -30.11 21.32 -0.09
C ALA A 290 -28.95 20.38 0.13
N TYR A 291 -28.78 19.37 -0.73
CA TYR A 291 -27.75 18.34 -0.53
C TYR A 291 -26.97 18.19 -1.82
N TRP A 292 -25.86 18.93 -1.90
CA TRP A 292 -25.12 19.05 -3.15
C TRP A 292 -24.71 17.69 -3.72
N PHE A 293 -24.23 16.79 -2.87
CA PHE A 293 -23.68 15.56 -3.43
C PHE A 293 -24.77 14.55 -3.77
N LEU A 294 -25.92 14.60 -3.10
CA LEU A 294 -27.03 13.78 -3.56
C LEU A 294 -27.51 14.22 -4.94
N ASP A 295 -27.55 15.53 -5.16
CA ASP A 295 -27.95 16.03 -6.48
C ASP A 295 -26.87 15.73 -7.51
N TRP A 296 -25.59 15.84 -7.11
CA TRP A 296 -24.50 15.45 -8.00
C TRP A 296 -24.66 14.02 -8.49
N TRP A 297 -25.00 13.10 -7.58
CA TRP A 297 -25.17 11.70 -7.99
C TRP A 297 -26.38 11.52 -8.91
N ARG A 298 -27.47 12.25 -8.66
CA ARG A 298 -28.61 12.17 -9.57
C ARG A 298 -28.18 12.45 -11.01
N VAL A 299 -27.47 13.56 -11.22
CA VAL A 299 -27.12 13.96 -12.57
C VAL A 299 -26.01 13.08 -13.14
N THR A 300 -25.09 12.64 -12.29
CA THR A 300 -24.02 11.77 -12.75
C THR A 300 -24.57 10.43 -13.21
N ARG A 301 -25.49 9.85 -12.44
CA ARG A 301 -26.13 8.60 -12.86
C ARG A 301 -26.88 8.79 -14.17
N TYR A 302 -27.51 9.96 -14.34
CA TYR A 302 -28.20 10.26 -15.58
C TYR A 302 -27.22 10.28 -16.75
N ALA A 303 -26.09 10.97 -16.59
CA ALA A 303 -25.07 11.00 -17.62
C ALA A 303 -24.60 9.60 -18.00
N HIS A 304 -24.39 8.74 -16.99
CA HIS A 304 -23.97 7.37 -17.28
C HIS A 304 -25.05 6.60 -18.03
N SER A 305 -26.33 6.82 -17.72
CA SER A 305 -27.38 6.14 -18.48
C SER A 305 -27.32 6.53 -19.96
N LEU A 306 -26.97 7.79 -20.24
CA LEU A 306 -26.81 8.22 -21.62
C LEU A 306 -25.55 7.62 -22.25
N SER A 307 -24.49 7.47 -21.46
CA SER A 307 -23.27 6.86 -21.98
C SER A 307 -23.51 5.38 -22.34
N LEU A 308 -24.21 4.65 -21.48
CA LEU A 308 -24.52 3.26 -21.79
C LEU A 308 -25.45 3.16 -22.99
N GLU A 309 -26.40 4.08 -23.10
CA GLU A 309 -27.25 4.10 -24.29
C GLU A 309 -26.43 4.27 -25.56
N ALA A 310 -25.45 5.20 -25.54
CA ALA A 310 -24.61 5.42 -26.72
C ALA A 310 -23.82 4.17 -27.08
N ILE A 311 -23.35 3.44 -26.07
CA ILE A 311 -22.66 2.18 -26.33
C ILE A 311 -23.63 1.19 -26.96
N ASN A 312 -24.85 1.11 -26.42
CA ASN A 312 -25.83 0.18 -26.93
C ASN A 312 -26.31 0.53 -28.34
N LYS A 313 -26.28 1.82 -28.69
CA LYS A 313 -26.66 2.20 -30.04
C LYS A 313 -25.60 1.83 -31.05
N LEU A 314 -24.39 1.48 -30.59
CA LEU A 314 -23.32 1.02 -31.46
C LEU A 314 -23.17 -0.50 -31.46
N GLY A 315 -24.17 -1.23 -30.98
CA GLY A 315 -24.14 -2.69 -30.97
C GLY A 315 -23.74 -3.31 -29.65
N GLY A 316 -23.59 -2.50 -28.59
CA GLY A 316 -23.01 -2.99 -27.36
C GLY A 316 -23.93 -3.85 -26.51
N GLN A 317 -23.41 -4.23 -25.35
CA GLN A 317 -24.12 -5.02 -24.34
C GLN A 317 -23.89 -4.36 -22.97
N ALA A 318 -24.38 -3.14 -22.82
CA ALA A 318 -24.15 -2.34 -21.62
C ALA A 318 -25.44 -2.22 -20.83
N SER A 319 -25.33 -2.28 -19.50
CA SER A 319 -26.53 -2.24 -18.68
C SER A 319 -26.27 -1.45 -17.40
N LEU A 320 -27.35 -0.92 -16.84
CA LEU A 320 -27.32 -0.21 -15.57
C LEU A 320 -28.09 -1.03 -14.56
N LEU A 321 -27.44 -1.38 -13.45
CA LEU A 321 -28.08 -2.12 -12.37
C LEU A 321 -28.20 -1.19 -11.17
N ASP A 322 -29.43 -0.82 -10.83
CA ASP A 322 -29.72 -0.17 -9.57
C ASP A 322 -29.98 -1.27 -8.54
N LEU A 323 -29.15 -1.35 -7.51
CA LEU A 323 -29.31 -2.41 -6.53
C LEU A 323 -30.72 -2.45 -5.91
N PRO A 324 -31.39 -1.33 -5.64
CA PRO A 324 -32.77 -1.44 -5.12
C PRO A 324 -33.72 -2.19 -6.05
N THR A 325 -33.52 -2.11 -7.37
CA THR A 325 -34.39 -2.86 -8.27
C THR A 325 -34.17 -4.36 -8.13
N ALA A 326 -32.99 -4.77 -7.66
CA ALA A 326 -32.72 -6.19 -7.43
C ALA A 326 -33.09 -6.62 -6.01
N GLY A 327 -33.74 -5.76 -5.24
CA GLY A 327 -34.18 -6.09 -3.91
C GLY A 327 -33.23 -5.75 -2.80
N LEU A 328 -32.18 -4.98 -3.07
CA LEU A 328 -31.16 -4.61 -2.08
C LEU A 328 -31.33 -3.14 -1.76
N ARG A 329 -31.67 -2.83 -0.52
CA ARG A 329 -31.91 -1.45 -0.12
C ARG A 329 -30.82 -0.97 0.84
N GLY A 330 -30.50 0.32 0.74
CA GLY A 330 -29.60 0.95 1.69
C GLY A 330 -28.13 0.99 1.34
N ASN A 331 -27.75 0.59 0.13
CA ASN A 331 -26.33 0.55 -0.20
C ASN A 331 -25.76 1.94 -0.38
N THR A 332 -24.50 2.10 0.07
CA THR A 332 -23.71 3.31 -0.07
C THR A 332 -22.94 3.27 -1.39
N HIS A 333 -22.06 4.26 -1.59
CA HIS A 333 -21.13 4.32 -2.72
C HIS A 333 -20.10 3.19 -2.72
N PHE A 334 -20.00 2.40 -1.64
CA PHE A 334 -19.12 1.24 -1.54
C PHE A 334 -19.97 -0.01 -1.31
N PRO A 335 -20.77 -0.45 -2.28
CA PRO A 335 -21.63 -1.61 -2.01
C PRO A 335 -20.85 -2.87 -1.66
N PHE A 336 -19.61 -2.99 -2.15
CA PHE A 336 -18.79 -4.18 -1.91
C PHE A 336 -18.17 -4.22 -0.51
N THR A 337 -18.32 -3.19 0.33
CA THR A 337 -17.97 -3.32 1.73
C THR A 337 -19.16 -3.10 2.66
N ASP A 338 -20.37 -2.92 2.12
CA ASP A 338 -21.56 -2.73 2.93
C ASP A 338 -21.92 -4.03 3.65
N ARG A 339 -22.90 -3.94 4.55
CA ARG A 339 -23.27 -5.11 5.36
C ARG A 339 -23.83 -6.24 4.52
N ASN A 340 -24.44 -5.92 3.36
CA ASN A 340 -24.99 -6.92 2.46
C ASN A 340 -24.04 -7.22 1.30
N ASN A 341 -22.73 -7.05 1.49
CA ASN A 341 -21.82 -7.20 0.34
C ASN A 341 -21.78 -8.63 -0.20
N VAL A 342 -22.18 -9.64 0.59
CA VAL A 342 -22.29 -10.99 0.03
C VAL A 342 -23.39 -11.03 -1.03
N GLN A 343 -24.52 -10.36 -0.79
CA GLN A 343 -25.57 -10.31 -1.81
C GLN A 343 -25.13 -9.48 -3.02
N VAL A 344 -24.37 -8.41 -2.79
CA VAL A 344 -23.79 -7.66 -3.91
C VAL A 344 -22.85 -8.55 -4.70
N ALA A 345 -22.00 -9.32 -4.02
CA ALA A 345 -21.12 -10.26 -4.72
C ALA A 345 -21.92 -11.29 -5.52
N SER A 346 -23.06 -11.72 -4.99
CA SER A 346 -23.87 -12.71 -5.70
C SER A 346 -24.33 -12.16 -7.05
N LEU A 347 -24.63 -10.85 -7.11
CA LEU A 347 -25.03 -10.22 -8.36
C LEU A 347 -23.87 -10.09 -9.35
N LEU A 348 -22.66 -9.87 -8.84
CA LEU A 348 -21.48 -9.89 -9.71
C LEU A 348 -21.26 -11.28 -10.29
N SER A 349 -21.32 -12.31 -9.44
CA SER A 349 -21.25 -13.68 -9.92
C SER A 349 -22.31 -13.98 -10.98
N ASP A 350 -23.52 -13.45 -10.80
CA ASP A 350 -24.58 -13.63 -11.81
C ASP A 350 -24.16 -13.04 -13.15
N PHE A 351 -23.61 -11.82 -13.14
CA PHE A 351 -23.16 -11.19 -14.37
C PHE A 351 -22.06 -12.00 -15.05
N LEU A 352 -21.07 -12.45 -14.27
CA LEU A 352 -19.98 -13.25 -14.83
C LEU A 352 -20.51 -14.55 -15.43
N GLY A 353 -21.46 -15.18 -14.75
CA GLY A 353 -22.00 -16.43 -15.25
C GLY A 353 -22.83 -16.24 -16.52
N LYS A 354 -23.62 -15.17 -16.56
CA LYS A 354 -24.48 -14.92 -17.73
C LYS A 354 -23.67 -14.84 -19.01
N HIS A 355 -22.46 -14.27 -18.93
CA HIS A 355 -21.63 -14.03 -20.09
C HIS A 355 -20.50 -15.04 -20.21
N GLY A 356 -20.58 -16.14 -19.47
CA GLY A 356 -19.57 -17.18 -19.58
C GLY A 356 -18.21 -16.79 -19.06
N LEU A 357 -18.11 -15.69 -18.33
CA LEU A 357 -16.82 -15.27 -17.81
C LEU A 357 -16.38 -16.08 -16.60
N ASP A 358 -17.21 -17.02 -16.14
CA ASP A 358 -16.86 -17.94 -15.06
C ASP A 358 -16.61 -19.35 -15.56
N GLN A 359 -16.44 -19.52 -16.88
CA GLN A 359 -16.17 -20.83 -17.48
C GLN A 359 -14.81 -20.81 -18.14
N ASN A 360 -14.19 -21.99 -18.24
CA ASN A 360 -12.84 -22.09 -18.80
C ASN A 360 -12.84 -22.08 -20.33
N LYS B 12 4.74 -26.01 -3.02
CA LYS B 12 5.60 -25.07 -2.31
C LYS B 12 4.92 -23.71 -2.21
N ARG B 13 3.91 -23.50 -3.05
CA ARG B 13 3.21 -22.23 -3.06
C ARG B 13 1.83 -22.28 -2.44
N LYS B 14 1.30 -23.48 -2.15
CA LYS B 14 -0.05 -23.60 -1.63
C LYS B 14 -0.14 -23.13 -0.19
N VAL B 15 -1.22 -22.43 0.14
N VAL B 15 -1.24 -22.44 0.14
CA VAL B 15 -1.43 -21.91 1.48
CA VAL B 15 -1.46 -21.85 1.45
C VAL B 15 -2.91 -22.03 1.82
C VAL B 15 -2.93 -22.03 1.81
N VAL B 16 -3.20 -22.50 3.03
CA VAL B 16 -4.57 -22.70 3.50
C VAL B 16 -4.81 -21.77 4.68
N LEU B 17 -5.74 -20.83 4.52
CA LEU B 17 -5.96 -19.79 5.52
C LEU B 17 -7.30 -20.02 6.22
N ALA B 18 -7.26 -20.03 7.55
CA ALA B 18 -8.50 -19.97 8.30
C ALA B 18 -9.21 -18.64 8.09
N GLU B 19 -8.45 -17.57 7.92
CA GLU B 19 -9.00 -16.25 7.64
C GLU B 19 -7.88 -15.35 7.19
N GLN B 20 -8.26 -14.29 6.49
CA GLN B 20 -7.31 -13.26 6.11
C GLN B 20 -8.05 -11.94 6.09
N GLY B 21 -7.28 -10.86 6.14
CA GLY B 21 -7.89 -9.56 6.02
C GLY B 21 -6.90 -8.46 6.35
N SER B 22 -7.44 -7.25 6.43
CA SER B 22 -6.63 -6.09 6.74
C SER B 22 -7.50 -5.07 7.48
N PHE B 23 -6.83 -4.13 8.14
CA PHE B 23 -7.53 -3.11 8.91
C PHE B 23 -6.60 -1.94 9.13
N TYR B 24 -7.18 -0.83 9.57
CA TYR B 24 -6.44 0.38 9.91
C TYR B 24 -6.43 0.50 11.43
N ILE B 25 -5.31 0.98 11.97
CA ILE B 25 -5.18 1.15 13.42
C ILE B 25 -4.24 2.32 13.70
N GLY B 26 -4.45 2.99 14.84
CA GLY B 26 -3.61 4.11 15.23
C GLY B 26 -3.96 5.38 14.48
N GLY B 27 -3.18 6.42 14.72
CA GLY B 27 -3.42 7.72 14.12
C GLY B 27 -4.22 8.64 15.01
N ARG B 28 -4.46 9.85 14.50
CA ARG B 28 -5.22 10.89 15.19
C ARG B 28 -6.01 11.66 14.13
N THR B 29 -6.64 12.77 14.55
CA THR B 29 -7.31 13.67 13.60
C THR B 29 -6.76 15.07 13.78
N VAL B 30 -6.85 15.84 12.70
CA VAL B 30 -6.60 17.28 12.70
C VAL B 30 -7.74 17.90 11.90
N THR B 31 -8.00 19.19 12.17
CA THR B 31 -9.17 19.83 11.60
C THR B 31 -8.80 21.17 10.96
N GLY B 32 -9.44 21.46 9.83
CA GLY B 32 -9.36 22.78 9.23
C GLY B 32 -10.29 23.76 9.91
N PRO B 33 -10.22 25.01 9.49
CA PRO B 33 -11.09 26.04 10.06
C PRO B 33 -12.50 25.99 9.49
N GLY B 34 -13.42 26.65 10.21
CA GLY B 34 -14.76 26.83 9.70
C GLY B 34 -15.63 25.60 9.87
N LYS B 35 -16.78 25.63 9.19
CA LYS B 35 -17.75 24.56 9.30
C LYS B 35 -18.14 24.05 7.92
N PHE B 36 -18.66 22.83 7.88
CA PHE B 36 -19.03 22.15 6.64
C PHE B 36 -20.51 22.38 6.36
N ASP B 37 -20.82 22.74 5.12
CA ASP B 37 -22.19 22.99 4.69
C ASP B 37 -22.51 22.03 3.54
N PRO B 38 -23.40 21.05 3.74
CA PRO B 38 -23.66 20.08 2.68
C PRO B 38 -24.38 20.65 1.45
N SER B 39 -24.94 21.85 1.53
CA SER B 39 -25.61 22.44 0.39
C SER B 39 -24.64 23.08 -0.60
N LYS B 40 -23.41 23.29 -0.16
CA LYS B 40 -22.41 23.97 -1.00
C LYS B 40 -21.55 22.97 -1.78
N PRO B 41 -20.95 23.38 -2.91
CA PRO B 41 -20.09 22.49 -3.67
C PRO B 41 -19.04 21.80 -2.79
N VAL B 42 -19.06 20.47 -2.80
CA VAL B 42 -18.13 19.69 -1.95
C VAL B 42 -16.86 19.39 -2.73
N ILE B 43 -16.97 19.25 -4.06
CA ILE B 43 -15.82 18.75 -4.86
C ILE B 43 -14.80 19.84 -5.10
N ARG B 44 -15.21 21.07 -5.40
CA ARG B 44 -14.19 22.15 -5.44
C ARG B 44 -13.00 21.73 -4.56
N TYR B 45 -13.19 21.39 -3.27
CA TYR B 45 -12.15 20.76 -2.38
C TYR B 45 -11.27 21.72 -1.58
N SER B 46 -11.48 21.80 -0.26
CA SER B 46 -10.77 22.78 0.61
C SER B 46 -10.71 22.25 2.04
N ASN B 47 -10.06 23.00 2.92
CA ASN B 47 -9.91 22.55 4.33
C ASN B 47 -11.06 23.08 5.19
N GLU B 48 -11.95 23.85 4.58
CA GLU B 48 -13.01 24.45 5.37
C GLU B 48 -13.94 23.39 5.93
N GLY B 49 -14.12 23.40 7.25
CA GLY B 49 -14.95 22.41 7.92
C GLY B 49 -14.45 21.00 7.87
N ALA B 50 -13.16 20.80 7.63
CA ALA B 50 -12.61 19.48 7.30
C ALA B 50 -12.01 18.80 8.52
N THR B 51 -12.38 17.53 8.72
CA THR B 51 -11.68 16.62 9.63
C THR B 51 -10.83 15.67 8.81
N PHE B 52 -9.55 15.54 9.16
CA PHE B 52 -8.63 14.65 8.47
C PHE B 52 -8.08 13.61 9.43
N TYR B 53 -8.21 12.32 9.07
CA TYR B 53 -7.51 11.26 9.79
C TYR B 53 -6.08 11.19 9.30
N ILE B 54 -5.10 11.30 10.21
CA ILE B 54 -3.69 11.29 9.80
C ILE B 54 -2.91 10.26 10.61
N ASN B 55 -1.82 9.76 9.99
CA ASN B 55 -0.79 8.94 10.64
C ASN B 55 -1.29 7.57 11.07
N GLN B 56 -2.42 7.13 10.52
CA GLN B 56 -2.88 5.77 10.76
C GLN B 56 -2.00 4.78 10.00
N MET B 57 -2.06 3.52 10.45
CA MET B 57 -1.24 2.45 9.91
C MET B 57 -2.13 1.38 9.28
N TYR B 58 -1.67 0.80 8.17
CA TYR B 58 -2.32 -0.33 7.52
C TYR B 58 -1.74 -1.64 8.04
N VAL B 59 -2.60 -2.61 8.30
CA VAL B 59 -2.19 -3.91 8.83
C VAL B 59 -2.92 -5.00 8.06
N ASN B 60 -2.19 -6.04 7.67
N ASN B 60 -2.21 -6.03 7.64
CA ASN B 60 -2.75 -7.21 7.01
CA ASN B 60 -2.92 -7.19 7.13
C ASN B 60 -2.45 -8.45 7.87
C ASN B 60 -2.49 -8.43 7.89
N PHE B 61 -3.32 -9.46 7.80
CA PHE B 61 -3.07 -10.70 8.51
C PHE B 61 -3.53 -11.88 7.67
N GLN B 62 -2.84 -13.00 7.89
CA GLN B 62 -3.21 -14.30 7.32
C GLN B 62 -3.02 -15.31 8.43
N ALA B 63 -4.09 -16.04 8.76
CA ALA B 63 -4.03 -17.01 9.85
C ALA B 63 -4.11 -18.41 9.28
N PRO B 64 -3.19 -19.30 9.62
CA PRO B 64 -3.31 -20.68 9.14
C PRO B 64 -4.40 -21.42 9.91
N VAL B 65 -4.79 -22.56 9.35
CA VAL B 65 -5.55 -23.54 10.12
C VAL B 65 -4.60 -24.18 11.13
N ARG B 66 -5.07 -24.33 12.36
CA ARG B 66 -4.23 -24.91 13.41
C ARG B 66 -2.95 -24.10 13.64
N PRO B 67 -3.04 -22.84 14.01
CA PRO B 67 -1.83 -22.06 14.28
C PRO B 67 -1.09 -22.58 15.51
N ARG B 68 0.22 -22.37 15.52
CA ARG B 68 1.03 -22.72 16.67
C ARG B 68 1.95 -21.56 17.04
N GLY B 69 2.16 -21.39 18.33
CA GLY B 69 3.09 -20.37 18.78
C GLY B 69 2.51 -18.97 18.66
N LEU B 70 3.41 -17.99 18.67
CA LEU B 70 2.98 -16.60 18.67
C LEU B 70 2.84 -16.07 17.24
N PRO B 71 1.95 -15.11 17.03
CA PRO B 71 1.90 -14.45 15.72
C PRO B 71 3.17 -13.67 15.48
N LEU B 72 3.57 -13.59 14.21
CA LEU B 72 4.71 -12.81 13.78
C LEU B 72 4.24 -11.50 13.16
N VAL B 73 4.90 -10.40 13.53
CA VAL B 73 4.64 -9.09 12.94
C VAL B 73 5.85 -8.70 12.10
N PHE B 74 5.68 -8.66 10.77
CA PHE B 74 6.76 -8.29 9.85
C PHE B 74 6.67 -6.80 9.54
N TRP B 75 7.80 -6.11 9.72
CA TRP B 75 7.86 -4.66 9.73
C TRP B 75 8.94 -4.23 8.75
N HIS B 76 8.52 -3.70 7.60
CA HIS B 76 9.41 -3.34 6.51
C HIS B 76 10.45 -2.30 6.92
N GLY B 77 11.55 -2.28 6.18
CA GLY B 77 12.59 -1.28 6.35
C GLY B 77 12.21 0.06 5.73
N GLY B 78 13.17 0.97 5.73
CA GLY B 78 12.88 2.36 5.37
C GLY B 78 12.53 2.49 3.89
N GLY B 79 11.47 3.23 3.60
CA GLY B 79 11.06 3.46 2.23
C GLY B 79 10.41 2.27 1.58
N LEU B 80 10.02 1.26 2.36
CA LEU B 80 9.48 0.01 1.83
C LEU B 80 8.02 -0.15 2.28
N THR B 81 7.45 -1.31 1.96
CA THR B 81 6.09 -1.66 2.37
C THR B 81 6.05 -3.15 2.68
N GLY B 82 4.88 -3.65 3.08
CA GLY B 82 4.70 -5.08 3.31
C GLY B 82 4.92 -5.96 2.08
N HIS B 83 4.95 -5.38 0.88
CA HIS B 83 5.30 -6.16 -0.33
C HIS B 83 6.57 -7.00 -0.13
N ILE B 84 7.55 -6.48 0.60
CA ILE B 84 8.83 -7.19 0.66
C ILE B 84 8.71 -8.51 1.41
N TRP B 85 7.65 -8.67 2.21
CA TRP B 85 7.38 -9.95 2.86
C TRP B 85 6.44 -10.84 2.06
N GLU B 86 5.84 -10.32 0.98
CA GLU B 86 4.86 -11.07 0.20
C GLU B 86 5.53 -11.91 -0.87
N SER B 87 6.43 -11.31 -1.63
CA SER B 87 7.10 -11.96 -2.75
C SER B 87 8.48 -11.36 -2.90
N THR B 88 9.38 -12.12 -3.53
CA THR B 88 10.68 -11.62 -3.93
C THR B 88 10.53 -10.89 -5.27
N PRO B 89 11.53 -10.10 -5.69
CA PRO B 89 11.36 -9.35 -6.94
C PRO B 89 11.21 -10.24 -8.16
N ASP B 90 11.79 -11.44 -8.12
CA ASP B 90 11.63 -12.42 -9.19
C ASP B 90 10.44 -13.33 -8.98
N GLY B 91 9.58 -13.02 -8.01
CA GLY B 91 8.30 -13.71 -7.90
C GLY B 91 8.29 -14.97 -7.08
N ARG B 92 9.31 -15.22 -6.24
CA ARG B 92 9.24 -16.37 -5.36
C ARG B 92 8.49 -16.01 -4.08
N PRO B 93 8.00 -17.00 -3.34
CA PRO B 93 7.26 -16.69 -2.11
C PRO B 93 8.13 -15.92 -1.12
N GLY B 94 7.50 -14.93 -0.47
CA GLY B 94 8.13 -14.19 0.60
C GLY B 94 7.84 -14.83 1.95
N PHE B 95 8.36 -14.19 3.00
CA PHE B 95 8.25 -14.74 4.35
C PHE B 95 6.80 -14.88 4.80
N GLN B 96 5.89 -14.05 4.27
CA GLN B 96 4.48 -14.19 4.63
C GLN B 96 3.97 -15.59 4.32
N THR B 97 4.14 -16.02 3.08
CA THR B 97 3.73 -17.37 2.70
C THR B 97 4.53 -18.43 3.47
N LEU B 98 5.86 -18.24 3.56
CA LEU B 98 6.68 -19.26 4.20
C LEU B 98 6.26 -19.50 5.65
N PHE B 99 5.90 -18.44 6.37
CA PHE B 99 5.62 -18.66 7.78
C PHE B 99 4.16 -18.97 8.08
N VAL B 100 3.24 -18.62 7.18
CA VAL B 100 1.91 -19.22 7.29
C VAL B 100 2.01 -20.73 7.06
N GLN B 101 2.85 -21.14 6.11
CA GLN B 101 3.08 -22.57 5.90
C GLN B 101 3.74 -23.21 7.13
N ASP B 102 4.55 -22.46 7.86
CA ASP B 102 5.16 -22.89 9.12
C ASP B 102 4.19 -22.77 10.30
N ARG B 103 2.90 -22.51 9.99
CA ARG B 103 1.79 -22.55 10.93
C ARG B 103 1.80 -21.38 11.92
N HIS B 104 2.37 -20.24 11.54
CA HIS B 104 2.26 -19.01 12.33
C HIS B 104 1.22 -18.10 11.70
N THR B 105 0.46 -17.41 12.54
CA THR B 105 -0.32 -16.28 12.07
C THR B 105 0.64 -15.15 11.73
N VAL B 106 0.47 -14.53 10.56
CA VAL B 106 1.43 -13.56 10.06
C VAL B 106 0.73 -12.24 9.85
N TYR B 107 1.23 -11.21 10.52
CA TYR B 107 0.83 -9.83 10.29
C TYR B 107 1.92 -9.13 9.50
N THR B 108 1.53 -8.31 8.52
CA THR B 108 2.45 -7.39 7.89
C THR B 108 1.84 -6.01 7.94
N ILE B 109 2.68 -4.99 8.05
CA ILE B 109 2.20 -3.63 8.15
C ILE B 109 2.77 -2.78 7.04
N ASP B 110 2.04 -1.71 6.70
CA ASP B 110 2.58 -0.52 6.04
C ASP B 110 2.53 0.58 7.09
N GLN B 111 3.70 1.00 7.60
CA GLN B 111 3.74 1.93 8.71
C GLN B 111 3.19 3.29 8.28
N PRO B 112 2.80 4.16 9.22
CA PRO B 112 2.35 5.50 8.83
C PRO B 112 3.38 6.15 7.93
N GLY B 113 2.91 6.74 6.82
CA GLY B 113 3.79 7.41 5.89
C GLY B 113 4.29 6.55 4.74
N ARG B 114 4.01 5.26 4.75
CA ARG B 114 4.48 4.35 3.72
C ARG B 114 3.33 3.50 3.19
N GLY B 115 3.32 3.30 1.87
CA GLY B 115 2.34 2.41 1.24
C GLY B 115 0.91 2.74 1.61
N ARG B 116 0.20 1.75 2.15
CA ARG B 116 -1.19 1.97 2.54
C ARG B 116 -1.34 2.70 3.86
N GLY B 117 -0.25 2.95 4.59
CA GLY B 117 -0.33 3.85 5.72
C GLY B 117 -0.61 5.27 5.24
N ASN B 118 -1.01 6.15 6.18
CA ASN B 118 -1.43 7.48 5.78
C ASN B 118 -0.24 8.39 5.51
N ILE B 119 -0.35 9.22 4.48
CA ILE B 119 0.55 10.34 4.22
C ILE B 119 -0.21 11.61 4.53
N PRO B 120 0.17 12.35 5.59
CA PRO B 120 -0.66 13.48 6.04
C PRO B 120 -0.49 14.72 5.18
N THR B 121 -1.34 14.87 4.17
CA THR B 121 -1.36 16.10 3.39
C THR B 121 -2.81 16.48 3.12
N PHE B 122 -2.99 17.73 2.70
CA PHE B 122 -4.30 18.37 2.76
C PHE B 122 -4.55 19.17 1.49
N ASN B 123 -5.21 20.32 1.60
CA ASN B 123 -5.42 21.20 0.46
C ASN B 123 -4.48 22.38 0.61
N GLY B 124 -3.35 22.33 -0.09
CA GLY B 124 -2.30 23.30 0.06
C GLY B 124 -0.96 22.65 -0.20
N PRO B 125 0.13 23.41 -0.01
CA PRO B 125 1.47 22.83 -0.15
C PRO B 125 1.60 21.54 0.65
N PHE B 126 2.33 20.58 0.08
CA PHE B 126 2.42 19.25 0.67
C PHE B 126 2.72 19.32 2.16
N GLY B 127 1.87 18.67 2.95
CA GLY B 127 2.07 18.53 4.38
C GLY B 127 1.59 19.68 5.24
N GLN B 128 1.06 20.75 4.63
CA GLN B 128 0.68 21.96 5.33
C GLN B 128 -0.83 22.04 5.49
N LEU B 129 -1.28 22.23 6.72
CA LEU B 129 -2.70 22.43 7.00
C LEU B 129 -2.84 23.88 7.44
N GLU B 130 -3.30 24.73 6.52
CA GLU B 130 -3.31 26.18 6.74
C GLU B 130 -1.91 26.61 7.14
N GLU B 131 -1.78 27.24 8.31
CA GLU B 131 -0.48 27.75 8.74
C GLU B 131 0.39 26.69 9.39
N GLU B 132 -0.12 25.48 9.64
CA GLU B 132 0.62 24.49 10.42
C GLU B 132 1.29 23.50 9.48
N SER B 133 2.57 23.27 9.70
CA SER B 133 3.34 22.25 8.98
C SER B 133 3.20 20.93 9.74
N ILE B 134 2.41 20.01 9.19
CA ILE B 134 2.28 18.68 9.78
C ILE B 134 3.46 17.78 9.39
N VAL B 135 3.79 17.75 8.09
CA VAL B 135 5.06 17.19 7.61
C VAL B 135 5.68 18.19 6.66
N ASN B 136 6.99 18.02 6.44
CA ASN B 136 7.75 18.97 5.62
C ASN B 136 7.30 18.93 4.16
N THR B 137 7.25 20.10 3.54
CA THR B 137 6.97 20.18 2.11
C THR B 137 8.15 19.66 1.27
N VAL B 138 9.38 19.87 1.74
CA VAL B 138 10.56 19.34 1.06
C VAL B 138 10.75 17.89 1.46
N THR B 139 10.80 17.00 0.45
CA THR B 139 10.98 15.58 0.71
C THR B 139 12.43 15.17 0.47
N GLY B 140 12.76 13.97 0.92
CA GLY B 140 13.99 13.33 0.53
C GLY B 140 13.68 11.93 0.03
N ASN B 141 14.56 11.42 -0.84
CA ASN B 141 14.30 10.09 -1.41
C ASN B 141 15.62 9.53 -1.90
N SER B 142 15.81 8.23 -1.70
N SER B 142 15.80 8.23 -1.72
CA SER B 142 17.02 7.62 -2.25
CA SER B 142 16.97 7.55 -2.25
C SER B 142 16.86 7.43 -3.75
C SER B 142 16.85 7.43 -3.77
N SER B 143 17.98 7.14 -4.40
CA SER B 143 18.01 6.87 -5.82
C SER B 143 18.24 5.38 -6.02
N LYS B 144 18.09 4.94 -7.27
CA LYS B 144 18.50 3.59 -7.62
C LYS B 144 19.96 3.36 -7.26
N GLU B 145 20.81 4.33 -7.59
CA GLU B 145 22.24 4.19 -7.35
C GLU B 145 22.54 4.09 -5.85
N GLY B 146 21.92 4.97 -5.06
CA GLY B 146 22.14 4.93 -3.62
C GLY B 146 21.64 3.65 -3.00
N ALA B 147 20.49 3.16 -3.45
CA ALA B 147 19.92 1.91 -2.94
C ALA B 147 20.78 0.72 -3.37
N TRP B 148 21.33 0.75 -4.58
CA TRP B 148 22.20 -0.34 -5.02
C TRP B 148 23.35 -0.55 -4.03
N VAL B 149 24.04 0.54 -3.65
CA VAL B 149 25.20 0.34 -2.78
C VAL B 149 24.78 0.21 -1.32
N ARG B 150 23.69 0.86 -0.91
CA ARG B 150 23.13 0.64 0.42
C ARG B 150 22.85 -0.83 0.65
N ASP B 151 22.30 -1.49 -0.35
CA ASP B 151 21.84 -2.86 -0.22
C ASP B 151 22.92 -3.89 -0.49
N ARG B 152 24.12 -3.42 -0.88
CA ARG B 152 25.29 -4.28 -1.10
C ARG B 152 25.01 -5.34 -2.18
N LEU B 153 24.25 -4.94 -3.21
CA LEU B 153 24.22 -5.77 -4.42
C LEU B 153 25.64 -5.91 -4.97
N GLY B 154 26.42 -4.83 -4.89
CA GLY B 154 27.80 -4.80 -5.29
C GLY B 154 28.39 -3.48 -4.83
N PRO B 155 29.65 -3.21 -5.19
CA PRO B 155 30.34 -2.01 -4.66
C PRO B 155 29.97 -0.72 -5.37
N ALA B 156 29.43 -0.78 -6.58
CA ALA B 156 29.04 0.39 -7.35
C ALA B 156 27.78 0.04 -8.13
N PRO B 157 26.96 1.03 -8.48
CA PRO B 157 25.72 0.73 -9.21
C PRO B 157 25.98 -0.03 -10.51
N GLY B 158 25.15 -1.02 -10.77
CA GLY B 158 25.30 -1.85 -11.94
C GLY B 158 26.29 -2.99 -11.81
N GLN B 159 27.02 -3.07 -10.70
CA GLN B 159 28.03 -4.10 -10.47
C GLN B 159 27.57 -5.03 -9.35
N PHE B 160 27.77 -6.34 -9.54
CA PHE B 160 27.40 -7.33 -8.54
C PHE B 160 28.63 -7.97 -7.93
N PHE B 161 28.56 -8.23 -6.62
CA PHE B 161 29.51 -9.13 -6.00
C PHE B 161 29.37 -10.51 -6.64
N GLU B 162 30.51 -11.19 -6.84
CA GLU B 162 30.49 -12.50 -7.49
C GLU B 162 29.59 -13.48 -6.74
N ASN B 163 29.53 -13.36 -5.41
CA ASN B 163 28.79 -14.34 -4.61
C ASN B 163 27.34 -13.94 -4.40
N SER B 164 26.86 -12.90 -5.06
CA SER B 164 25.61 -12.26 -4.63
C SER B 164 24.43 -13.21 -4.77
N GLN B 165 23.56 -13.18 -3.76
CA GLN B 165 22.29 -13.87 -3.76
C GLN B 165 21.15 -13.04 -4.33
N PHE B 166 21.43 -11.83 -4.82
CA PHE B 166 20.39 -11.01 -5.42
C PHE B 166 19.77 -11.72 -6.62
N PRO B 167 18.44 -11.67 -6.78
CA PRO B 167 17.80 -12.20 -8.00
C PRO B 167 18.04 -11.34 -9.24
N ARG B 168 19.21 -11.51 -9.85
CA ARG B 168 19.57 -10.72 -11.02
C ARG B 168 18.53 -10.85 -12.13
N GLY B 169 18.43 -9.79 -12.93
CA GLY B 169 17.43 -9.70 -13.98
C GLY B 169 16.14 -9.06 -13.54
N TYR B 170 15.93 -8.93 -12.24
CA TYR B 170 14.72 -8.38 -11.66
C TYR B 170 15.02 -7.09 -10.91
N GLU B 171 16.06 -6.37 -11.36
CA GLU B 171 16.45 -5.12 -10.74
C GLU B 171 15.33 -4.10 -10.81
N ASP B 172 14.72 -3.92 -11.99
CA ASP B 172 13.63 -2.94 -12.11
C ASP B 172 12.52 -3.24 -11.11
N ASN B 173 12.09 -4.51 -11.02
CA ASN B 173 11.05 -4.89 -10.07
C ASN B 173 11.45 -4.53 -8.66
N TYR B 174 12.71 -4.81 -8.32
CA TYR B 174 13.22 -4.56 -6.97
C TYR B 174 13.20 -3.08 -6.63
N PHE B 175 13.83 -2.25 -7.46
CA PHE B 175 13.91 -0.84 -7.09
C PHE B 175 12.56 -0.14 -7.14
N LYS B 176 11.60 -0.67 -7.91
CA LYS B 176 10.27 -0.06 -7.97
C LYS B 176 9.53 -0.15 -6.63
N GLU B 177 9.92 -1.04 -5.73
CA GLU B 177 9.23 -1.19 -4.47
C GLU B 177 9.59 -0.11 -3.45
N MET B 178 10.56 0.74 -3.77
CA MET B 178 11.10 1.74 -2.84
C MET B 178 10.55 3.14 -3.11
N GLY B 179 10.41 3.93 -2.05
CA GLY B 179 9.87 5.28 -2.17
C GLY B 179 10.19 6.14 -0.97
N PHE B 180 9.71 7.38 -1.03
CA PHE B 180 9.99 8.38 -0.01
C PHE B 180 9.14 8.16 1.24
N SER B 181 9.56 8.80 2.35
CA SER B 181 8.74 8.84 3.55
C SER B 181 8.60 10.29 3.99
N PRO B 182 7.39 10.76 4.29
CA PRO B 182 7.23 12.12 4.83
C PRO B 182 7.75 12.20 6.26
N SER B 183 7.91 13.42 6.77
CA SER B 183 8.59 13.61 8.05
C SER B 183 7.69 13.34 9.26
N ILE B 184 6.99 12.20 9.28
CA ILE B 184 6.19 11.84 10.43
C ILE B 184 7.09 11.57 11.63
N SER B 185 6.70 12.07 12.80
CA SER B 185 7.47 11.83 14.01
C SER B 185 7.62 10.33 14.28
N SER B 186 8.83 9.90 14.61
CA SER B 186 9.02 8.48 14.93
C SER B 186 8.18 8.06 16.13
N ASP B 187 7.93 8.99 17.07
CA ASP B 187 7.04 8.69 18.19
C ASP B 187 5.67 8.20 17.71
N GLU B 188 5.14 8.83 16.66
CA GLU B 188 3.81 8.46 16.19
C GLU B 188 3.84 7.13 15.45
N ILE B 189 4.98 6.77 14.85
CA ILE B 189 5.09 5.46 14.23
C ILE B 189 5.16 4.37 15.31
N VAL B 190 6.01 4.58 16.32
CA VAL B 190 6.08 3.65 17.45
C VAL B 190 4.70 3.52 18.11
N ASP B 191 3.99 4.63 18.27
CA ASP B 191 2.66 4.60 18.91
C ASP B 191 1.70 3.69 18.15
N ALA B 192 1.66 3.81 16.82
CA ALA B 192 0.75 2.95 16.05
C ALA B 192 1.09 1.47 16.26
N VAL B 193 2.38 1.12 16.23
CA VAL B 193 2.72 -0.30 16.40
C VAL B 193 2.49 -0.76 17.85
N VAL B 194 2.71 0.09 18.85
CA VAL B 194 2.34 -0.28 20.21
C VAL B 194 0.85 -0.62 20.28
N LYS B 195 0.02 0.20 19.63
CA LYS B 195 -1.43 -0.09 19.67
C LYS B 195 -1.76 -1.40 18.96
N LEU B 196 -1.04 -1.72 17.88
CA LEU B 196 -1.26 -3.01 17.22
C LEU B 196 -0.89 -4.16 18.13
N VAL B 197 0.28 -4.06 18.78
CA VAL B 197 0.74 -5.12 19.69
C VAL B 197 -0.24 -5.29 20.85
N THR B 198 -0.79 -4.18 21.35
CA THR B 198 -1.84 -4.28 22.37
C THR B 198 -3.04 -5.05 21.84
N HIS B 199 -3.45 -4.77 20.61
CA HIS B 199 -4.59 -5.44 20.01
C HIS B 199 -4.32 -6.92 19.79
N ILE B 200 -3.14 -7.29 19.30
CA ILE B 200 -3.00 -8.70 18.93
C ILE B 200 -2.55 -9.59 20.08
N GLY B 201 -1.93 -9.04 21.12
CA GLY B 201 -1.45 -9.86 22.22
C GLY B 201 -0.01 -10.28 22.03
N PRO B 202 0.46 -11.24 22.81
CA PRO B 202 1.86 -11.66 22.73
C PRO B 202 2.26 -12.02 21.30
N CYS B 203 3.41 -11.49 20.87
CA CYS B 203 3.80 -11.64 19.48
C CYS B 203 5.31 -11.49 19.38
N VAL B 204 5.82 -11.69 18.16
CA VAL B 204 7.25 -11.55 17.85
C VAL B 204 7.37 -10.48 16.77
N LEU B 205 8.28 -9.53 16.96
CA LEU B 205 8.54 -8.53 15.93
C LEU B 205 9.70 -8.99 15.06
N VAL B 206 9.51 -8.92 13.73
CA VAL B 206 10.57 -9.17 12.76
C VAL B 206 10.74 -7.88 11.96
N THR B 207 11.88 -7.21 12.14
CA THR B 207 12.11 -5.87 11.63
C THR B 207 13.23 -5.87 10.59
N HIS B 208 13.51 -4.69 10.03
CA HIS B 208 14.45 -4.58 8.93
C HIS B 208 14.93 -3.14 8.85
N SER B 209 16.24 -2.95 8.78
CA SER B 209 16.78 -1.63 8.47
C SER B 209 16.19 -0.55 9.38
N ALA B 210 15.51 0.43 8.80
CA ALA B 210 14.98 1.56 9.59
C ALA B 210 14.01 1.11 10.67
N SER B 211 13.30 -0.01 10.48
CA SER B 211 12.37 -0.42 11.53
C SER B 211 13.04 -1.14 12.70
N GLY B 212 14.34 -1.44 12.60
CA GLY B 212 15.06 -2.05 13.69
C GLY B 212 14.98 -1.27 14.99
N VAL B 213 15.42 0.00 14.95
CA VAL B 213 15.39 0.80 16.17
C VAL B 213 13.95 1.05 16.63
N LEU B 214 13.01 1.12 15.69
CA LEU B 214 11.63 1.39 16.08
C LEU B 214 11.03 0.19 16.79
N GLY B 215 11.38 -1.02 16.35
CA GLY B 215 10.91 -2.22 17.02
C GLY B 215 11.49 -2.39 18.41
N MET B 216 12.77 -2.02 18.59
CA MET B 216 13.35 -1.99 19.93
C MET B 216 12.55 -1.07 20.84
N ARG B 217 12.22 0.12 20.34
CA ARG B 217 11.43 1.07 21.13
C ARG B 217 10.05 0.50 21.48
N VAL B 218 9.38 -0.12 20.50
CA VAL B 218 8.07 -0.73 20.77
C VAL B 218 8.18 -1.73 21.92
N ALA B 219 9.22 -2.57 21.89
CA ALA B 219 9.36 -3.59 22.93
C ALA B 219 9.51 -2.96 24.32
N THR B 220 10.15 -1.80 24.42
CA THR B 220 10.28 -1.16 25.73
C THR B 220 8.95 -0.57 26.22
N HIS B 221 7.97 -0.40 25.33
CA HIS B 221 6.64 0.05 25.72
C HIS B 221 5.60 -1.06 25.81
N ALA B 222 5.90 -2.25 25.30
CA ALA B 222 4.87 -3.27 25.10
C ALA B 222 5.41 -4.61 25.54
N LYS B 223 4.91 -5.12 26.68
CA LYS B 223 5.33 -6.42 27.18
C LYS B 223 4.84 -7.56 26.30
N ASN B 224 3.87 -7.31 25.42
CA ASN B 224 3.45 -8.37 24.50
C ASN B 224 4.53 -8.72 23.49
N VAL B 225 5.49 -7.84 23.24
CA VAL B 225 6.60 -8.22 22.36
C VAL B 225 7.47 -9.23 23.11
N ARG B 226 7.45 -10.47 22.64
CA ARG B 226 8.14 -11.57 23.32
C ARG B 226 9.45 -11.97 22.64
N GLY B 227 9.80 -11.32 21.55
CA GLY B 227 11.05 -11.62 20.85
C GLY B 227 11.19 -10.65 19.70
N ILE B 228 12.44 -10.47 19.27
CA ILE B 228 12.76 -9.57 18.16
C ILE B 228 13.81 -10.24 17.29
N VAL B 229 13.57 -10.27 15.99
CA VAL B 229 14.62 -10.58 15.02
C VAL B 229 14.68 -9.39 14.06
N ALA B 230 15.86 -8.80 13.93
CA ALA B 230 16.05 -7.59 13.14
C ALA B 230 17.06 -7.89 12.04
N TYR B 231 16.62 -7.77 10.79
CA TYR B 231 17.52 -7.91 9.64
C TYR B 231 18.23 -6.59 9.39
N GLU B 232 19.55 -6.56 9.59
CA GLU B 232 20.41 -5.41 9.34
C GLU B 232 19.77 -4.08 9.79
N PRO B 233 19.52 -3.91 11.09
CA PRO B 233 19.01 -2.64 11.59
C PRO B 233 19.94 -1.49 11.24
N ALA B 234 19.35 -0.32 11.01
CA ALA B 234 20.10 0.83 10.52
C ALA B 234 20.59 1.76 11.62
N THR B 235 19.91 1.82 12.76
CA THR B 235 20.26 2.74 13.83
C THR B 235 20.45 1.96 15.13
N SER B 236 21.57 2.21 15.82
CA SER B 236 21.85 1.52 17.06
C SER B 236 21.15 2.22 18.23
N ILE B 237 21.04 1.52 19.36
CA ILE B 237 20.33 2.03 20.53
C ILE B 237 21.12 1.72 21.79
N PHE B 238 21.19 2.68 22.70
CA PHE B 238 21.97 2.60 23.92
C PHE B 238 21.23 3.29 25.04
N PRO B 239 21.53 2.94 26.30
CA PRO B 239 21.01 3.72 27.43
C PRO B 239 21.57 5.14 27.39
N LYS B 240 20.74 6.08 27.81
CA LYS B 240 21.11 7.50 27.79
C LYS B 240 22.41 7.71 28.55
N GLY B 241 23.31 8.48 27.96
CA GLY B 241 24.59 8.76 28.57
C GLY B 241 25.58 7.62 28.57
N LYS B 242 25.25 6.48 27.96
CA LYS B 242 26.16 5.34 27.90
C LYS B 242 26.43 4.91 26.46
N VAL B 243 26.50 5.88 25.54
CA VAL B 243 26.88 5.56 24.16
C VAL B 243 28.38 5.34 24.14
N PRO B 244 28.87 4.20 23.69
CA PRO B 244 30.31 3.96 23.65
C PRO B 244 30.97 4.73 22.50
N GLU B 245 32.30 4.67 22.50
CA GLU B 245 33.12 5.26 21.45
C GLU B 245 32.86 4.55 20.13
N ILE B 246 32.42 5.31 19.13
CA ILE B 246 32.15 4.77 17.79
C ILE B 246 32.96 5.61 16.80
N PRO B 247 33.77 5.00 15.95
CA PRO B 247 34.66 5.77 15.09
C PRO B 247 33.91 6.38 13.92
N PRO B 248 34.47 7.41 13.29
CA PRO B 248 33.95 7.85 11.99
C PRO B 248 34.24 6.79 10.94
N LEU B 249 33.72 7.03 9.73
CA LEU B 249 34.01 6.14 8.62
C LEU B 249 35.43 6.37 8.13
N ALA B 250 35.86 5.52 7.18
CA ALA B 250 37.23 5.56 6.69
C ALA B 250 37.59 6.89 6.05
N ASP B 251 36.60 7.68 5.60
CA ASP B 251 36.96 8.98 5.05
C ASP B 251 37.33 10.00 6.14
N LYS B 252 37.23 9.61 7.42
CA LYS B 252 37.53 10.47 8.58
C LYS B 252 36.69 11.74 8.57
N LYS B 253 35.50 11.69 7.97
CA LYS B 253 34.58 12.83 7.98
C LYS B 253 33.15 12.37 8.23
N SER B 254 32.78 11.23 7.67
CA SER B 254 31.40 10.75 7.79
C SER B 254 31.19 9.97 9.07
N GLN B 255 29.93 9.94 9.52
CA GLN B 255 29.51 9.22 10.71
C GLN B 255 28.36 8.30 10.35
N ILE B 256 28.16 7.25 11.15
CA ILE B 256 26.95 6.43 11.01
C ILE B 256 25.77 7.20 11.60
N PHE B 257 24.59 6.60 11.60
CA PHE B 257 23.43 7.27 12.18
C PHE B 257 23.66 7.51 13.67
N PRO B 258 23.38 8.70 14.19
CA PRO B 258 23.53 8.95 15.62
C PRO B 258 22.74 7.92 16.41
N PRO B 259 23.37 7.22 17.33
CA PRO B 259 22.65 6.21 18.11
C PRO B 259 21.50 6.82 18.90
N PHE B 260 20.41 6.06 18.98
CA PHE B 260 19.25 6.49 19.74
C PHE B 260 19.46 6.17 21.22
N GLU B 261 19.19 7.14 22.09
CA GLU B 261 19.37 6.94 23.52
C GLU B 261 18.02 6.92 24.23
N ILE B 262 17.85 5.96 25.14
CA ILE B 262 16.64 5.86 25.94
C ILE B 262 17.02 5.72 27.40
N GLN B 263 16.10 6.11 28.27
CA GLN B 263 16.26 5.92 29.70
C GLN B 263 16.59 4.47 30.02
N GLU B 264 17.51 4.27 30.98
CA GLU B 264 17.94 2.92 31.30
C GLU B 264 16.80 2.05 31.82
N SER B 265 15.82 2.62 32.52
CA SER B 265 14.70 1.80 32.97
C SER B 265 13.94 1.20 31.80
N TYR B 266 13.89 1.90 30.66
CA TYR B 266 13.26 1.32 29.48
C TYR B 266 14.20 0.37 28.76
N PHE B 267 15.47 0.77 28.61
CA PHE B 267 16.45 -0.09 27.94
C PHE B 267 16.51 -1.46 28.58
N LYS B 268 16.34 -1.52 29.91
CA LYS B 268 16.44 -2.79 30.62
C LYS B 268 15.36 -3.79 30.19
N LYS B 269 14.23 -3.29 29.70
CA LYS B 269 13.21 -4.23 29.22
C LYS B 269 13.69 -5.06 28.02
N LEU B 270 14.67 -4.56 27.28
CA LEU B 270 15.26 -5.33 26.19
C LEU B 270 15.98 -6.56 26.69
N ALA B 271 16.36 -6.59 27.97
CA ALA B 271 17.07 -7.75 28.50
C ALA B 271 16.14 -8.91 28.83
N LYS B 272 14.82 -8.69 28.75
CA LYS B 272 13.84 -9.66 29.20
C LYS B 272 13.32 -10.56 28.09
N ILE B 273 13.76 -10.36 26.85
CA ILE B 273 13.27 -11.15 25.72
C ILE B 273 14.43 -11.51 24.82
N PRO B 274 14.31 -12.60 24.07
CA PRO B 274 15.39 -12.95 23.14
C PRO B 274 15.41 -12.00 21.95
N ILE B 275 16.63 -11.59 21.56
CA ILE B 275 16.81 -10.61 20.50
C ILE B 275 17.95 -11.08 19.61
N GLN B 276 17.69 -11.11 18.30
CA GLN B 276 18.71 -11.50 17.33
C GLN B 276 18.79 -10.47 16.22
N PHE B 277 20.01 -9.98 15.94
CA PHE B 277 20.27 -9.15 14.77
C PHE B 277 20.94 -10.03 13.72
N VAL B 278 20.44 -9.98 12.49
CA VAL B 278 20.93 -10.82 11.39
C VAL B 278 21.61 -9.91 10.37
N PHE B 279 22.82 -10.28 9.96
CA PHE B 279 23.54 -9.51 8.96
C PHE B 279 23.91 -10.42 7.79
N GLY B 280 23.85 -9.87 6.58
CA GLY B 280 24.23 -10.60 5.38
C GLY B 280 25.72 -10.53 5.14
N ASP B 281 26.11 -10.63 3.86
CA ASP B 281 27.51 -10.79 3.49
C ASP B 281 28.08 -9.49 2.92
N ASN B 282 29.39 -9.53 2.63
CA ASN B 282 30.12 -8.47 1.91
C ASN B 282 30.16 -7.17 2.71
N ILE B 283 30.15 -7.28 4.02
CA ILE B 283 30.47 -6.15 4.90
C ILE B 283 31.96 -6.24 5.20
N PRO B 284 32.75 -5.23 4.85
CA PRO B 284 34.21 -5.36 4.99
C PRO B 284 34.63 -5.39 6.46
N LYS B 285 35.74 -6.08 6.72
CA LYS B 285 36.28 -6.10 8.06
C LYS B 285 37.21 -4.91 8.32
N ASN B 286 37.82 -4.38 7.28
CA ASN B 286 38.76 -3.28 7.36
C ASN B 286 38.18 -2.02 6.70
N PRO B 287 38.71 -0.85 7.05
CA PRO B 287 38.23 0.40 6.43
C PRO B 287 38.27 0.35 4.90
N LYS B 288 37.20 0.88 4.27
CA LYS B 288 37.06 0.89 2.81
C LYS B 288 36.70 2.30 2.36
N SER B 289 37.70 3.17 2.24
CA SER B 289 37.40 4.56 1.93
C SER B 289 36.87 4.74 0.51
N ALA B 290 37.10 3.76 -0.37
CA ALA B 290 36.63 3.87 -1.75
C ALA B 290 35.12 3.59 -1.88
N TYR B 291 34.51 2.92 -0.91
CA TYR B 291 33.13 2.46 -1.01
C TYR B 291 32.39 2.89 0.25
N TRP B 292 31.75 4.06 0.18
CA TRP B 292 31.23 4.70 1.37
C TRP B 292 30.22 3.81 2.09
N PHE B 293 29.31 3.17 1.35
CA PHE B 293 28.26 2.43 2.04
C PHE B 293 28.75 1.07 2.55
N LEU B 294 29.77 0.49 1.92
CA LEU B 294 30.39 -0.70 2.50
C LEU B 294 31.04 -0.36 3.83
N ASP B 295 31.74 0.76 3.89
CA ASP B 295 32.36 1.21 5.12
C ASP B 295 31.33 1.58 6.17
N TRP B 296 30.25 2.24 5.74
CA TRP B 296 29.15 2.57 6.66
C TRP B 296 28.59 1.32 7.32
N TRP B 297 28.42 0.23 6.55
CA TRP B 297 27.90 -1.01 7.14
C TRP B 297 28.90 -1.64 8.10
N ARG B 298 30.20 -1.50 7.83
CA ARG B 298 31.22 -2.00 8.77
C ARG B 298 31.07 -1.33 10.13
N VAL B 299 30.96 -0.01 10.15
CA VAL B 299 30.91 0.69 11.43
C VAL B 299 29.54 0.54 12.06
N THR B 300 28.48 0.50 11.25
CA THR B 300 27.14 0.33 11.80
C THR B 300 26.99 -1.05 12.44
N ARG B 301 27.50 -2.09 11.77
CA ARG B 301 27.46 -3.42 12.38
C ARG B 301 28.23 -3.46 13.67
N TYR B 302 29.37 -2.74 13.72
CA TYR B 302 30.17 -2.68 14.95
C TYR B 302 29.38 -2.04 16.08
N ALA B 303 28.73 -0.90 15.80
CA ALA B 303 27.89 -0.22 16.79
C ALA B 303 26.81 -1.16 17.35
N HIS B 304 26.15 -1.92 16.46
CA HIS B 304 25.13 -2.87 16.91
C HIS B 304 25.73 -3.94 17.81
N SER B 305 26.93 -4.41 17.48
CA SER B 305 27.57 -5.40 18.35
C SER B 305 27.75 -4.86 19.75
N LEU B 306 28.10 -3.57 19.87
CA LEU B 306 28.20 -2.94 21.19
C LEU B 306 26.83 -2.77 21.84
N SER B 307 25.80 -2.50 21.05
CA SER B 307 24.44 -2.38 21.57
C SER B 307 23.96 -3.70 22.17
N LEU B 308 24.16 -4.80 21.43
CA LEU B 308 23.82 -6.13 21.94
C LEU B 308 24.63 -6.44 23.20
N GLU B 309 25.90 -6.05 23.23
CA GLU B 309 26.70 -6.29 24.42
C GLU B 309 26.11 -5.57 25.62
N ALA B 310 25.60 -4.35 25.45
CA ALA B 310 25.00 -3.62 26.55
C ALA B 310 23.75 -4.31 27.07
N ILE B 311 22.95 -4.89 26.18
CA ILE B 311 21.78 -5.64 26.61
C ILE B 311 22.19 -6.86 27.42
N ASN B 312 23.23 -7.58 26.95
CA ASN B 312 23.68 -8.77 27.67
C ASN B 312 24.29 -8.42 29.02
N LYS B 313 24.88 -7.24 29.15
CA LYS B 313 25.40 -6.80 30.45
C LYS B 313 24.29 -6.38 31.40
N LEU B 314 23.06 -6.31 30.93
CA LEU B 314 21.90 -6.10 31.79
C LEU B 314 21.12 -7.39 32.00
N GLY B 315 21.75 -8.53 31.72
CA GLY B 315 21.13 -9.83 31.92
C GLY B 315 20.38 -10.35 30.71
N GLY B 316 20.59 -9.77 29.54
CA GLY B 316 19.78 -10.12 28.38
C GLY B 316 20.28 -11.37 27.65
N GLN B 317 19.62 -11.64 26.52
CA GLN B 317 19.97 -12.74 25.65
C GLN B 317 19.89 -12.20 24.22
N ALA B 318 20.89 -11.39 23.85
CA ALA B 318 20.91 -10.69 22.58
C ALA B 318 22.08 -11.20 21.75
N SER B 319 21.81 -11.56 20.51
CA SER B 319 22.84 -12.21 19.70
C SER B 319 22.93 -11.56 18.34
N LEU B 320 24.11 -11.68 17.73
CA LEU B 320 24.36 -11.25 16.37
C LEU B 320 24.61 -12.49 15.52
N LEU B 321 23.81 -12.68 14.48
CA LEU B 321 23.98 -13.77 13.53
C LEU B 321 24.51 -13.20 12.24
N ASP B 322 25.76 -13.54 11.89
CA ASP B 322 26.30 -13.24 10.57
C ASP B 322 26.00 -14.44 9.68
N LEU B 323 25.16 -14.23 8.66
CA LEU B 323 24.74 -15.35 7.82
C LEU B 323 25.92 -16.15 7.26
N PRO B 324 27.03 -15.56 6.84
CA PRO B 324 28.16 -16.40 6.41
C PRO B 324 28.62 -17.41 7.45
N THR B 325 28.51 -17.12 8.75
CA THR B 325 28.95 -18.13 9.72
C THR B 325 27.99 -19.31 9.78
N ALA B 326 26.78 -19.15 9.27
CA ALA B 326 25.85 -20.27 9.13
C ALA B 326 25.96 -20.96 7.77
N GLY B 327 26.96 -20.61 6.97
CA GLY B 327 27.15 -21.24 5.67
C GLY B 327 26.42 -20.59 4.52
N LEU B 328 25.80 -19.43 4.74
CA LEU B 328 25.06 -18.73 3.70
C LEU B 328 25.91 -17.56 3.21
N ARG B 329 26.30 -17.59 1.93
CA ARG B 329 27.20 -16.59 1.38
C ARG B 329 26.49 -15.70 0.37
N GLY B 330 26.85 -14.42 0.36
CA GLY B 330 26.38 -13.51 -0.65
C GLY B 330 25.11 -12.76 -0.34
N ASN B 331 24.58 -12.85 0.88
CA ASN B 331 23.29 -12.20 1.12
C ASN B 331 23.43 -10.68 1.08
N THR B 332 22.40 -10.03 0.54
CA THR B 332 22.29 -8.58 0.48
C THR B 332 21.67 -8.04 1.77
N HIS B 333 21.32 -6.75 1.76
CA HIS B 333 20.58 -6.08 2.85
C HIS B 333 19.13 -6.55 2.95
N PHE B 334 18.64 -7.36 2.01
CA PHE B 334 17.31 -7.95 2.05
C PHE B 334 17.43 -9.47 2.01
N PRO B 335 17.96 -10.10 3.07
CA PRO B 335 18.16 -11.56 2.99
C PRO B 335 16.88 -12.33 2.79
N PHE B 336 15.75 -11.80 3.29
CA PHE B 336 14.45 -12.45 3.18
C PHE B 336 13.84 -12.33 1.77
N THR B 337 14.48 -11.64 0.82
CA THR B 337 14.05 -11.76 -0.58
C THR B 337 15.13 -12.25 -1.52
N ASP B 338 16.31 -12.58 -0.99
CA ASP B 338 17.42 -13.12 -1.78
C ASP B 338 17.06 -14.51 -2.31
N ARG B 339 17.93 -15.02 -3.19
CA ARG B 339 17.68 -16.31 -3.81
C ARG B 339 17.65 -17.45 -2.80
N ASN B 340 18.38 -17.32 -1.69
CA ASN B 340 18.40 -18.34 -0.66
C ASN B 340 17.47 -18.00 0.51
N ASN B 341 16.40 -17.25 0.25
CA ASN B 341 15.60 -16.79 1.39
C ASN B 341 14.90 -17.94 2.12
N VAL B 342 14.75 -19.11 1.49
CA VAL B 342 14.19 -20.25 2.23
C VAL B 342 15.15 -20.70 3.34
N GLN B 343 16.46 -20.70 3.04
CA GLN B 343 17.44 -21.02 4.08
C GLN B 343 17.48 -19.93 5.15
N VAL B 344 17.31 -18.66 4.76
CA VAL B 344 17.22 -17.60 5.75
C VAL B 344 16.01 -17.81 6.66
N ALA B 345 14.87 -18.20 6.07
CA ALA B 345 13.66 -18.45 6.85
C ALA B 345 13.87 -19.62 7.79
N SER B 346 14.63 -20.62 7.34
CA SER B 346 14.92 -21.77 8.20
C SER B 346 15.62 -21.33 9.48
N LEU B 347 16.53 -20.35 9.37
CA LEU B 347 17.23 -19.86 10.55
C LEU B 347 16.30 -19.06 11.45
N LEU B 348 15.33 -18.33 10.88
CA LEU B 348 14.33 -17.68 11.71
C LEU B 348 13.46 -18.70 12.44
N SER B 349 13.01 -19.74 11.74
CA SER B 349 12.26 -20.81 12.40
C SER B 349 13.07 -21.45 13.53
N ASP B 350 14.38 -21.62 13.34
CA ASP B 350 15.22 -22.17 14.41
C ASP B 350 15.20 -21.29 15.65
N PHE B 351 15.36 -19.98 15.45
CA PHE B 351 15.27 -19.03 16.57
C PHE B 351 13.94 -19.13 17.28
N LEU B 352 12.85 -19.15 16.50
CA LEU B 352 11.51 -19.21 17.11
C LEU B 352 11.34 -20.49 17.92
N GLY B 353 11.81 -21.63 17.38
CA GLY B 353 11.59 -22.89 18.07
C GLY B 353 12.42 -23.00 19.35
N LYS B 354 13.67 -22.57 19.29
CA LYS B 354 14.58 -22.62 20.43
C LYS B 354 14.03 -21.84 21.63
N HIS B 355 13.41 -20.71 21.37
CA HIS B 355 12.88 -19.86 22.43
C HIS B 355 11.42 -20.13 22.73
N GLY B 356 10.88 -21.24 22.25
CA GLY B 356 9.53 -21.60 22.60
C GLY B 356 8.48 -20.69 22.01
N LEU B 357 8.82 -19.95 20.96
CA LEU B 357 7.87 -19.04 20.34
C LEU B 357 7.00 -19.71 19.28
N ASP B 358 7.16 -21.01 19.09
CA ASP B 358 6.37 -21.76 18.10
C ASP B 358 5.51 -22.85 18.76
N GLN B 359 5.23 -22.73 20.06
CA GLN B 359 4.41 -23.70 20.76
C GLN B 359 3.29 -22.99 21.52
N ASN B 360 2.15 -23.68 21.65
CA ASN B 360 1.00 -23.15 22.37
C ASN B 360 0.97 -23.64 23.82
C1 GOL C . -10.63 11.76 3.21
O1 GOL C . -10.02 11.69 1.94
C2 GOL C . -9.47 11.65 4.26
O2 GOL C . -8.73 12.82 4.33
C3 GOL C . -10.17 11.41 5.61
O3 GOL C . -9.15 11.58 6.55
C1 GOL D . -8.08 8.60 17.46
O1 GOL D . -7.72 9.95 17.29
C2 GOL D . -8.57 8.09 16.08
O2 GOL D . -8.54 6.71 15.99
C3 GOL D . -10.00 8.65 15.94
O3 GOL D . -10.80 8.07 16.97
N1 JV6 E . 6.25 -10.97 -11.98
C1 JV6 E . 2.94 -12.38 -12.07
N2 JV6 E . 7.73 -9.91 -13.29
N3 JV6 E . 6.30 -7.83 -15.03
C2 JV6 E . 2.84 -12.85 -10.76
O2 JV6 E . 6.08 -11.11 -14.23
C3 JV6 E . 3.92 -12.65 -9.91
O3 JV6 E . 8.74 -10.68 -15.41
N JV6 E . 5.02 -12.03 -10.36
C JV6 E . 0.62 -13.02 -12.54
O JV6 E . 1.90 -12.54 -12.97
C10 JV6 E . 7.07 -8.57 -17.04
C11 JV6 E . 7.95 -9.34 -17.96
C4 JV6 E . 4.88 -12.56 -7.68
C5 JV6 E . 5.11 -11.59 -11.63
C6 JV6 E . 6.65 -10.70 -13.22
C7 JV6 E . 7.22 -8.61 -15.57
C8 JV6 E . 5.92 -7.43 -13.65
C9 JV6 E . 6.01 -7.72 -17.28
N4 JV6 E . 5.54 -7.27 -16.08
N5 JV6 E . 4.06 -11.76 -12.48
O1 JV6 E . 3.91 -13.07 -8.60
O4 JV6 E . 9.50 -8.63 -14.47
O5 JV6 E . 7.44 -10.28 -18.74
O6 JV6 E . 9.14 -9.08 -17.98
S JV6 E . 8.35 -9.47 -14.71
C1 GOL F . 14.20 4.07 -6.72
O1 GOL F . 13.28 4.68 -7.57
C2 GOL F . 14.44 5.09 -5.58
O2 GOL F . 13.38 5.97 -5.40
C3 GOL F . 14.80 4.29 -4.30
O3 GOL F . 14.24 4.98 -3.19
C1 GOL G . -7.65 -11.03 13.47
O1 GOL G . -6.68 -11.87 14.03
C2 GOL G . -7.59 -9.70 14.26
O2 GOL G . -6.29 -9.23 14.42
C3 GOL G . -8.48 -8.72 13.46
O3 GOL G . -8.96 -7.76 14.36
#